data_9C2R
#
_entry.id   9C2R
#
_cell.length_a   106.566
_cell.length_b   106.566
_cell.length_c   259.212
_cell.angle_alpha   90.00
_cell.angle_beta   90.00
_cell.angle_gamma   90.00
#
_symmetry.space_group_name_H-M   'P 41 21 2'
#
loop_
_entity.id
_entity.type
_entity.pdbx_description
1 polymer 'Polyketide synthase Pks13'
2 branched beta-D-fructofuranose-(2-1)-alpha-D-glucopyranose
3 non-polymer 'PENTAETHYLENE GLYCOL'
4 non-polymer 'SULFATE ION'
5 water water
#
_entity_poly.entity_id   1
_entity_poly.type   'polypeptide(L)'
_entity_poly.pdbx_seq_one_letter_code
;MHHHHHHSSGVDLGTENLYFQSNARFDEFGNIITDSAVAEEPEPELPGVTEEALRLKEAALEELAAQEVTAPLVPLAVSA
FLTSRKKAAAAELADWMQSPEGQASSLESIGRSLSRRNHGRSRAVVLAHDHDEAIKGLRAVAAGKQAPNVFSVDGPVTTG
PVWVLAGFGAQHRKMGKSLYLRNEVFAAWIEKVDALVQDELGYSVLELILDDAQDYGIETTQVTIFAIQIALGELLRHHG
AKPAAVIGQSLGEAASAYFAGGLSLRDATRAICSRSHLMGEGEAMLFGEYIRLMALVEYSADEIREVFSDFPDLEVCVYA
APTQTVIGGPPEQVDAILARAEAEGKFARKFATKGASHTSQMDPLLGELTAELQGIKPTSPTCGIFSTVHEGRYIKPGGE
PIHDVEYWKKGLRHSVYFTHGIRNAVDSGHTTFLELAPNPVALMQVALTTADAGLHDAQLIPTLARKQDEVSSMVSTMAQ
LYVYGHDLDIRTLFSRASGPQDYANIPPTRFK
;
_entity_poly.pdbx_strand_id   A,B
#
loop_
_chem_comp.id
_chem_comp.type
_chem_comp.name
_chem_comp.formula
1PE non-polymer 'PENTAETHYLENE GLYCOL' 'C10 H22 O6'
FRU D-saccharide, beta linking beta-D-fructofuranose 'C6 H12 O6'
GLC D-saccharide, alpha linking alpha-D-glucopyranose 'C6 H12 O6'
SO4 non-polymer 'SULFATE ION' 'O4 S -2'
#
# COMPACT_ATOMS: atom_id res chain seq x y z
N GLU A 45 -34.66 -2.53 40.59
CA GLU A 45 -33.26 -2.40 41.00
C GLU A 45 -32.33 -3.32 40.19
N LEU A 46 -31.43 -2.69 39.45
CA LEU A 46 -30.47 -3.40 38.63
C LEU A 46 -29.30 -3.88 39.46
N PRO A 47 -28.56 -4.87 38.97
CA PRO A 47 -27.34 -5.28 39.68
C PRO A 47 -26.34 -4.14 39.78
N GLY A 48 -25.54 -4.16 40.87
CA GLY A 48 -24.43 -3.23 41.00
C GLY A 48 -23.14 -3.76 40.36
N VAL A 49 -22.13 -2.89 40.34
CA VAL A 49 -20.77 -3.29 40.00
C VAL A 49 -20.36 -4.49 40.85
N THR A 50 -20.01 -5.59 40.20
CA THR A 50 -19.59 -6.79 40.93
C THR A 50 -18.35 -6.52 41.76
N GLU A 51 -18.17 -7.35 42.78
CA GLU A 51 -16.97 -7.22 43.60
C GLU A 51 -15.70 -7.51 42.80
N GLU A 52 -15.75 -8.51 41.92
CA GLU A 52 -14.57 -8.81 41.12
C GLU A 52 -14.22 -7.63 40.20
N ALA A 53 -15.24 -6.93 39.69
CA ALA A 53 -14.96 -5.74 38.90
C ALA A 53 -14.32 -4.67 39.78
N LEU A 54 -14.82 -4.50 41.00
CA LEU A 54 -14.19 -3.56 41.94
C LEU A 54 -12.76 -3.98 42.24
N ARG A 55 -12.56 -5.27 42.55
CA ARG A 55 -11.21 -5.76 42.77
C ARG A 55 -10.31 -5.42 41.58
N LEU A 56 -10.73 -5.81 40.38
CA LEU A 56 -9.91 -5.57 39.18
C LEU A 56 -9.68 -4.07 38.96
N LYS A 57 -10.70 -3.25 39.26
CA LYS A 57 -10.57 -1.82 39.10
C LYS A 57 -9.48 -1.27 40.00
N GLU A 58 -9.39 -1.78 41.22
CA GLU A 58 -8.36 -1.32 42.15
C GLU A 58 -6.97 -1.68 41.64
N ALA A 59 -6.79 -2.91 41.18
CA ALA A 59 -5.50 -3.29 40.61
C ALA A 59 -5.13 -2.36 39.46
N ALA A 60 -6.08 -2.09 38.57
CA ALA A 60 -5.81 -1.26 37.39
C ALA A 60 -5.42 0.15 37.80
N LEU A 61 -6.07 0.70 38.83
CA LEU A 61 -5.74 2.06 39.24
C LEU A 61 -4.34 2.14 39.84
N GLU A 62 -3.96 1.15 40.66
CA GLU A 62 -2.60 1.11 41.18
C GLU A 62 -1.59 0.94 40.05
N GLU A 63 -1.93 0.12 39.06
CA GLU A 63 -1.11 0.07 37.85
C GLU A 63 -0.99 1.46 37.23
N LEU A 64 -2.12 2.10 37.00
CA LEU A 64 -2.11 3.42 36.39
C LEU A 64 -1.33 4.42 37.23
N ALA A 65 -1.58 4.43 38.54
CA ALA A 65 -0.97 5.43 39.41
C ALA A 65 0.55 5.36 39.43
N ALA A 66 1.14 4.22 39.03
CA ALA A 66 2.58 4.07 39.03
C ALA A 66 3.17 4.08 37.62
N GLN A 67 2.53 4.76 36.68
CA GLN A 67 3.12 4.91 35.37
C GLN A 67 3.62 6.33 35.16
N GLU A 68 4.39 6.50 34.09
CA GLU A 68 4.94 7.81 33.74
C GLU A 68 3.83 8.69 33.21
N VAL A 69 3.63 9.83 33.88
CA VAL A 69 2.58 10.75 33.44
C VAL A 69 2.94 11.27 32.05
N THR A 70 2.02 11.10 31.12
CA THR A 70 2.19 11.68 29.80
C THR A 70 1.52 13.05 29.77
N ALA A 71 2.14 13.97 29.03
CA ALA A 71 1.54 15.29 28.85
C ALA A 71 0.21 15.13 28.11
N PRO A 72 -0.86 15.77 28.58
CA PRO A 72 -2.16 15.64 27.91
C PRO A 72 -2.16 16.35 26.56
N LEU A 73 -3.09 15.93 25.70
CA LEU A 73 -3.28 16.61 24.44
C LEU A 73 -4.31 17.72 24.62
N VAL A 74 -3.95 18.93 24.22
CA VAL A 74 -4.76 20.12 24.45
C VAL A 74 -5.20 20.67 23.10
N PRO A 75 -6.49 20.94 22.89
CA PRO A 75 -6.93 21.57 21.65
C PRO A 75 -6.88 23.10 21.77
N LEU A 76 -6.22 23.75 20.80
CA LEU A 76 -6.15 25.21 20.75
C LEU A 76 -6.99 25.69 19.56
N ALA A 77 -8.11 26.36 19.85
CA ALA A 77 -9.01 26.89 18.83
C ALA A 77 -8.66 28.33 18.47
N VAL A 78 -8.78 28.64 17.18
CA VAL A 78 -8.57 29.98 16.65
C VAL A 78 -9.54 30.13 15.47
N SER A 79 -10.10 31.32 15.31
CA SER A 79 -11.17 31.47 14.33
C SER A 79 -11.38 32.94 14.01
N ALA A 80 -12.13 33.19 12.95
CA ALA A 80 -12.37 34.53 12.43
C ALA A 80 -13.45 34.43 11.36
N PHE A 81 -14.03 35.58 11.03
CA PHE A 81 -14.97 35.58 9.92
C PHE A 81 -14.26 35.39 8.59
N LEU A 82 -12.98 35.74 8.50
CA LEU A 82 -12.19 35.63 7.27
C LEU A 82 -11.00 34.73 7.49
N THR A 83 -10.72 33.83 6.52
CA THR A 83 -9.58 32.95 6.66
C THR A 83 -8.29 33.73 6.82
N SER A 84 -8.19 34.87 6.12
CA SER A 84 -7.05 35.76 6.27
C SER A 84 -6.87 36.21 7.72
N ARG A 85 -7.95 36.69 8.35
CA ARG A 85 -7.85 37.09 9.75
C ARG A 85 -7.56 35.91 10.64
N LYS A 86 -8.20 34.75 10.39
CA LYS A 86 -7.88 33.56 11.16
C LYS A 86 -6.40 33.22 11.08
N LYS A 87 -5.82 33.32 9.88
CA LYS A 87 -4.40 33.05 9.73
C LYS A 87 -3.57 34.06 10.51
N ALA A 88 -4.02 35.31 10.58
CA ALA A 88 -3.29 36.33 11.32
C ALA A 88 -3.39 36.09 12.82
N ALA A 89 -4.58 35.73 13.30
CA ALA A 89 -4.73 35.38 14.70
C ALA A 89 -3.82 34.22 15.08
N ALA A 90 -3.66 33.25 14.18
CA ALA A 90 -2.82 32.10 14.49
C ALA A 90 -1.36 32.51 14.64
N ALA A 91 -0.89 33.42 13.77
CA ALA A 91 0.51 33.81 13.86
C ALA A 91 0.74 34.73 15.06
N GLU A 92 -0.25 35.57 15.36
CA GLU A 92 -0.17 36.39 16.57
C GLU A 92 -0.12 35.53 17.80
N LEU A 93 -0.96 34.48 17.86
CA LEU A 93 -0.91 33.59 19.02
C LEU A 93 0.42 32.87 19.10
N ALA A 94 1.02 32.53 17.97
CA ALA A 94 2.29 31.81 18.03
C ALA A 94 3.42 32.75 18.43
N ASP A 95 3.35 34.02 18.02
CA ASP A 95 4.36 34.99 18.46
C ASP A 95 4.35 35.11 19.99
N TRP A 96 3.15 35.19 20.57
CA TRP A 96 3.03 35.37 22.01
C TRP A 96 3.43 34.10 22.74
N MET A 97 3.04 32.94 22.21
CA MET A 97 3.45 31.68 22.84
C MET A 97 4.96 31.51 22.84
N GLN A 98 5.67 32.12 21.89
CA GLN A 98 7.12 32.11 21.96
C GLN A 98 7.69 33.07 22.99
N SER A 99 6.95 34.11 23.40
CA SER A 99 7.48 35.07 24.36
C SER A 99 7.66 34.42 25.73
N PRO A 100 8.49 35.03 26.60
CA PRO A 100 8.59 34.48 27.96
C PRO A 100 7.26 34.39 28.66
N GLU A 101 6.37 35.38 28.50
CA GLU A 101 5.09 35.26 29.18
C GLU A 101 4.32 34.04 28.67
N GLY A 102 4.35 33.81 27.35
CA GLY A 102 3.61 32.68 26.80
C GLY A 102 4.22 31.35 27.21
N GLN A 103 5.55 31.30 27.26
CA GLN A 103 6.21 30.08 27.70
C GLN A 103 5.82 29.71 29.12
N ALA A 104 5.59 30.70 29.98
CA ALA A 104 5.26 30.45 31.38
C ALA A 104 3.80 30.07 31.60
N SER A 105 2.97 30.12 30.57
CA SER A 105 1.56 29.79 30.69
C SER A 105 1.35 28.37 30.22
N SER A 106 0.46 27.64 30.88
CA SER A 106 0.20 26.26 30.53
C SER A 106 -0.70 26.19 29.31
N LEU A 107 -0.47 25.15 28.48
CA LEU A 107 -1.34 24.89 27.34
C LEU A 107 -2.81 24.87 27.74
N GLU A 108 -3.10 24.22 28.87
CA GLU A 108 -4.48 24.11 29.32
C GLU A 108 -5.08 25.48 29.60
N SER A 109 -4.27 26.41 30.10
CA SER A 109 -4.79 27.74 30.37
C SER A 109 -4.91 28.54 29.09
N ILE A 110 -3.96 28.36 28.16
CA ILE A 110 -4.09 29.01 26.87
C ILE A 110 -5.32 28.49 26.14
N GLY A 111 -5.53 27.17 26.18
CA GLY A 111 -6.68 26.60 25.47
C GLY A 111 -8.00 27.02 26.09
N ARG A 112 -8.06 27.10 27.42
CA ARG A 112 -9.28 27.57 28.08
C ARG A 112 -9.62 28.99 27.66
N SER A 113 -8.62 29.88 27.60
CA SER A 113 -8.88 31.24 27.13
C SER A 113 -9.37 31.22 25.69
N LEU A 114 -8.66 30.51 24.81
CA LEU A 114 -9.13 30.40 23.43
C LEU A 114 -10.57 29.89 23.37
N SER A 115 -10.88 28.88 24.18
CA SER A 115 -12.21 28.28 24.16
C SER A 115 -13.32 29.27 24.44
N ARG A 116 -12.98 30.45 24.97
CA ARG A 116 -13.98 31.43 25.38
C ARG A 116 -14.09 32.61 24.42
N ARG A 117 -13.35 32.62 23.32
CA ARG A 117 -13.55 33.67 22.33
C ARG A 117 -14.89 33.48 21.62
N ASN A 118 -15.19 34.42 20.73
CA ASN A 118 -16.21 34.17 19.73
C ASN A 118 -15.64 33.21 18.71
N HIS A 119 -16.47 32.33 18.20
CA HIS A 119 -16.03 31.28 17.29
C HIS A 119 -16.60 31.57 15.90
N GLY A 120 -15.72 32.00 14.99
CA GLY A 120 -16.14 32.49 13.69
C GLY A 120 -16.32 31.40 12.66
N ARG A 121 -16.61 31.83 11.45
CA ARG A 121 -16.96 30.89 10.40
C ARG A 121 -15.75 30.10 9.94
N SER A 122 -14.61 30.77 9.78
CA SER A 122 -13.35 30.13 9.39
C SER A 122 -12.59 29.72 10.65
N ARG A 123 -12.35 28.40 10.81
CA ARG A 123 -11.89 27.87 12.08
C ARG A 123 -10.63 27.03 11.92
N ALA A 124 -9.95 26.84 13.05
CA ALA A 124 -8.85 25.89 13.09
C ALA A 124 -8.65 25.44 14.53
N VAL A 125 -8.09 24.23 14.66
CA VAL A 125 -7.66 23.67 15.94
C VAL A 125 -6.26 23.11 15.75
N VAL A 126 -5.38 23.39 16.70
CA VAL A 126 -4.08 22.74 16.79
C VAL A 126 -4.11 21.85 18.03
N LEU A 127 -3.82 20.56 17.83
CA LEU A 127 -3.72 19.62 18.94
C LEU A 127 -2.26 19.54 19.36
N ALA A 128 -1.99 19.70 20.66
CA ALA A 128 -0.61 19.86 21.08
C ALA A 128 -0.39 19.34 22.49
N HIS A 129 0.80 18.79 22.70
CA HIS A 129 1.27 18.35 24.01
C HIS A 129 2.15 19.37 24.70
N ASP A 130 2.83 20.24 23.95
CA ASP A 130 3.69 21.24 24.56
C ASP A 130 3.75 22.46 23.66
N HIS A 131 4.59 23.41 24.03
CA HIS A 131 4.57 24.70 23.34
C HIS A 131 5.11 24.58 21.93
N ASP A 132 6.04 23.65 21.69
CA ASP A 132 6.57 23.47 20.35
C ASP A 132 5.49 23.00 19.39
N GLU A 133 4.89 21.84 19.67
CA GLU A 133 3.82 21.35 18.81
C GLU A 133 2.80 22.45 18.55
N ALA A 134 2.40 23.17 19.61
CA ALA A 134 1.46 24.26 19.44
C ALA A 134 1.99 25.31 18.48
N ILE A 135 3.17 25.84 18.77
CA ILE A 135 3.69 26.92 17.94
C ILE A 135 3.90 26.43 16.52
N LYS A 136 4.35 25.18 16.40
CA LYS A 136 4.59 24.58 15.10
C LYS A 136 3.27 24.43 14.35
N GLY A 137 2.25 23.92 15.03
CA GLY A 137 0.94 23.79 14.40
C GLY A 137 0.34 25.14 14.08
N LEU A 138 0.55 26.13 14.94
CA LEU A 138 0.00 27.44 14.66
C LEU A 138 0.68 28.07 13.44
N ARG A 139 1.97 27.80 13.24
CA ARG A 139 2.64 28.35 12.07
C ARG A 139 2.05 27.78 10.79
N ALA A 140 1.71 26.49 10.80
CA ALA A 140 1.04 25.87 9.65
C ALA A 140 -0.31 26.51 9.39
N VAL A 141 -1.09 26.74 10.45
CA VAL A 141 -2.38 27.40 10.29
C VAL A 141 -2.20 28.79 9.67
N ALA A 142 -1.24 29.55 10.18
CA ALA A 142 -0.96 30.86 9.61
C ALA A 142 -0.60 30.75 8.14
N ALA A 143 0.29 29.80 7.81
CA ALA A 143 0.81 29.58 6.47
C ALA A 143 -0.14 28.87 5.53
N GLY A 144 -1.32 28.46 6.01
CA GLY A 144 -2.22 27.68 5.18
C GLY A 144 -1.70 26.30 4.84
N LYS A 145 -0.69 25.80 5.56
CA LYS A 145 -0.10 24.50 5.29
C LYS A 145 -0.72 23.42 6.18
N GLN A 146 -0.64 22.18 5.70
CA GLN A 146 -1.22 21.05 6.37
C GLN A 146 -0.23 20.46 7.37
N ALA A 147 -0.78 19.85 8.43
CA ALA A 147 0.05 19.30 9.49
C ALA A 147 -0.76 18.21 10.17
N PRO A 148 -0.10 17.22 10.77
CA PRO A 148 -0.85 16.08 11.29
C PRO A 148 -1.73 16.43 12.50
N ASN A 149 -1.38 17.44 13.27
CA ASN A 149 -2.16 17.80 14.46
C ASN A 149 -3.05 19.01 14.21
N VAL A 150 -3.23 19.41 12.96
CA VAL A 150 -3.86 20.67 12.61
C VAL A 150 -5.08 20.40 11.74
N PHE A 151 -6.21 20.98 12.11
CA PHE A 151 -7.40 21.00 11.28
C PHE A 151 -7.79 22.44 11.04
N SER A 152 -8.11 22.79 9.80
CA SER A 152 -8.42 24.17 9.43
C SER A 152 -9.34 24.18 8.22
N VAL A 153 -10.46 24.89 8.30
CA VAL A 153 -11.42 25.00 7.21
C VAL A 153 -11.89 26.45 7.08
N ASP A 154 -12.22 26.84 5.85
CA ASP A 154 -12.75 28.18 5.59
C ASP A 154 -14.16 28.37 6.12
N GLY A 155 -14.89 27.32 6.43
CA GLY A 155 -16.23 27.48 6.88
C GLY A 155 -16.87 26.15 7.24
N PRO A 156 -18.04 26.22 7.85
CA PRO A 156 -18.67 25.02 8.37
C PRO A 156 -19.09 24.08 7.26
N VAL A 157 -19.06 22.79 7.58
CA VAL A 157 -19.74 21.78 6.79
C VAL A 157 -21.24 22.11 6.79
N THR A 158 -21.92 21.77 5.69
CA THR A 158 -23.30 22.21 5.51
C THR A 158 -24.34 21.30 6.15
N THR A 159 -24.06 20.02 6.29
CA THR A 159 -25.03 19.08 6.82
C THR A 159 -24.43 18.39 8.04
N GLY A 160 -25.31 17.88 8.90
CA GLY A 160 -24.88 17.25 10.12
C GLY A 160 -24.17 15.93 9.94
N PRO A 161 -23.54 15.45 11.02
CA PRO A 161 -22.73 14.24 10.91
C PRO A 161 -23.58 12.99 11.02
N VAL A 162 -23.08 11.93 10.37
CA VAL A 162 -23.66 10.59 10.47
C VAL A 162 -22.82 9.79 11.46
N TRP A 163 -23.47 9.25 12.48
CA TRP A 163 -22.79 8.37 13.41
C TRP A 163 -22.80 6.95 12.84
N VAL A 164 -21.60 6.36 12.69
CA VAL A 164 -21.43 5.02 12.17
C VAL A 164 -21.20 4.03 13.32
N LEU A 165 -22.09 3.05 13.43
CA LEU A 165 -22.08 2.06 14.51
C LEU A 165 -21.84 0.68 13.88
N ALA A 166 -20.59 0.26 13.82
CA ALA A 166 -20.25 -1.07 13.32
C ALA A 166 -19.71 -1.93 14.45
N GLY A 167 -18.46 -2.39 14.35
CA GLY A 167 -17.86 -3.15 15.43
C GLY A 167 -17.12 -4.40 15.00
N PHE A 168 -17.75 -5.16 14.11
CA PHE A 168 -17.17 -6.27 13.37
C PHE A 168 -15.66 -6.14 13.23
N GLY A 169 -14.89 -6.91 13.99
CA GLY A 169 -13.46 -6.89 13.81
C GLY A 169 -12.72 -5.70 14.39
N ALA A 170 -13.38 -4.85 15.16
CA ALA A 170 -12.70 -3.72 15.81
C ALA A 170 -12.11 -4.06 17.16
N GLN A 171 -12.47 -5.21 17.74
CA GLN A 171 -12.17 -5.51 19.14
C GLN A 171 -10.69 -5.79 19.36
N HIS A 172 -10.23 -5.50 20.58
CA HIS A 172 -8.88 -5.87 21.01
C HIS A 172 -8.90 -5.96 22.53
N ARG A 173 -7.92 -6.69 23.06
CA ARG A 173 -7.90 -7.12 24.46
C ARG A 173 -8.30 -6.04 25.45
N LYS A 174 -7.61 -4.91 25.42
CA LYS A 174 -7.77 -3.89 26.45
C LYS A 174 -8.73 -2.76 26.04
N MET A 175 -9.59 -2.98 25.05
CA MET A 175 -10.40 -1.90 24.51
C MET A 175 -11.28 -1.29 25.60
N GLY A 176 -11.25 0.05 25.70
CA GLY A 176 -12.11 0.78 26.59
C GLY A 176 -11.63 0.90 28.01
N LYS A 177 -10.61 0.13 28.40
CA LYS A 177 -10.18 0.10 29.79
C LYS A 177 -9.59 1.44 30.22
N SER A 178 -8.72 2.01 29.39
CA SER A 178 -8.03 3.25 29.75
C SER A 178 -9.03 4.40 29.91
N LEU A 179 -9.99 4.51 28.99
CA LEU A 179 -10.96 5.58 29.10
C LEU A 179 -11.93 5.36 30.25
N TYR A 180 -12.16 4.08 30.64
CA TYR A 180 -12.97 3.81 31.83
C TYR A 180 -12.25 4.28 33.09
N LEU A 181 -10.96 4.01 33.18
CA LEU A 181 -10.21 4.42 34.36
C LEU A 181 -10.13 5.93 34.46
N ARG A 182 -10.17 6.63 33.32
CA ARG A 182 -9.77 8.03 33.28
C ARG A 182 -10.87 9.01 32.96
N ASN A 183 -12.05 8.57 32.50
CA ASN A 183 -13.13 9.51 32.18
C ASN A 183 -14.38 9.10 32.92
N GLU A 184 -14.83 9.98 33.79
CA GLU A 184 -15.92 9.69 34.71
C GLU A 184 -17.24 9.53 33.98
N VAL A 185 -17.46 10.29 32.90
CA VAL A 185 -18.73 10.19 32.20
C VAL A 185 -18.78 8.90 31.38
N PHE A 186 -17.72 8.62 30.63
CA PHE A 186 -17.57 7.33 29.99
C PHE A 186 -17.81 6.20 30.98
N ALA A 187 -17.17 6.28 32.16
CA ALA A 187 -17.24 5.19 33.14
C ALA A 187 -18.66 4.98 33.63
N ALA A 188 -19.41 6.06 33.81
CA ALA A 188 -20.80 5.96 34.28
C ALA A 188 -21.66 5.18 33.29
N TRP A 189 -21.42 5.37 31.98
CA TRP A 189 -22.28 4.73 31.00
C TRP A 189 -21.91 3.27 30.81
N ILE A 190 -20.61 2.99 30.80
CA ILE A 190 -20.16 1.60 30.83
C ILE A 190 -20.83 0.85 31.98
N GLU A 191 -20.77 1.41 33.19
CA GLU A 191 -21.40 0.71 34.32
C GLU A 191 -22.89 0.58 34.12
N LYS A 192 -23.52 1.57 33.48
CA LYS A 192 -24.95 1.46 33.24
C LYS A 192 -25.25 0.30 32.30
N VAL A 193 -24.51 0.19 31.20
CA VAL A 193 -24.70 -0.96 30.31
C VAL A 193 -24.31 -2.25 31.02
N ASP A 194 -23.21 -2.21 31.79
CA ASP A 194 -22.79 -3.41 32.49
C ASP A 194 -23.86 -3.93 33.43
N ALA A 195 -24.66 -3.03 34.02
CA ALA A 195 -25.71 -3.50 34.92
C ALA A 195 -26.82 -4.19 34.15
N LEU A 196 -27.25 -3.59 33.04
CA LEU A 196 -28.28 -4.18 32.19
C LEU A 196 -27.85 -5.53 31.63
N VAL A 197 -26.58 -5.67 31.24
CA VAL A 197 -26.16 -6.94 30.68
C VAL A 197 -26.00 -7.98 31.76
N GLN A 198 -25.59 -7.59 32.96
CA GLN A 198 -25.71 -8.53 34.08
C GLN A 198 -27.12 -9.04 34.20
N ASP A 199 -28.10 -8.16 34.06
CA ASP A 199 -29.49 -8.57 34.20
C ASP A 199 -29.94 -9.46 33.05
N GLU A 200 -29.43 -9.24 31.84
CA GLU A 200 -29.93 -10.03 30.72
C GLU A 200 -29.23 -11.37 30.63
N LEU A 201 -27.91 -11.38 30.75
CA LEU A 201 -27.14 -12.59 30.49
C LEU A 201 -26.43 -13.12 31.72
N GLY A 202 -26.39 -12.37 32.80
CA GLY A 202 -25.83 -12.92 34.01
C GLY A 202 -24.33 -12.83 34.14
N TYR A 203 -23.67 -11.93 33.43
CA TYR A 203 -22.26 -11.74 33.68
C TYR A 203 -21.94 -10.28 33.47
N SER A 204 -20.72 -9.91 33.84
CA SER A 204 -20.29 -8.52 33.89
C SER A 204 -19.36 -8.23 32.73
N VAL A 205 -19.76 -7.27 31.91
CA VAL A 205 -18.90 -6.81 30.84
C VAL A 205 -17.72 -6.02 31.40
N LEU A 206 -17.96 -5.29 32.48
CA LEU A 206 -16.88 -4.49 33.06
C LEU A 206 -15.74 -5.37 33.53
N GLU A 207 -16.05 -6.57 34.04
CA GLU A 207 -14.99 -7.51 34.41
C GLU A 207 -14.11 -7.85 33.22
N LEU A 208 -14.72 -8.09 32.05
CA LEU A 208 -13.95 -8.34 30.85
C LEU A 208 -13.07 -7.14 30.50
N ILE A 209 -13.64 -5.94 30.58
CA ILE A 209 -12.85 -4.76 30.21
C ILE A 209 -11.65 -4.61 31.12
N LEU A 210 -11.82 -4.87 32.42
CA LEU A 210 -10.76 -4.56 33.36
C LEU A 210 -9.73 -5.67 33.54
N ASP A 211 -10.10 -6.92 33.27
CA ASP A 211 -9.20 -8.06 33.47
C ASP A 211 -8.33 -8.28 32.23
N ASP A 212 -7.04 -7.95 32.34
CA ASP A 212 -6.15 -8.05 31.18
C ASP A 212 -5.94 -9.49 30.72
N ALA A 213 -6.14 -10.47 31.60
CA ALA A 213 -5.96 -11.87 31.22
C ALA A 213 -7.05 -12.37 30.30
N GLN A 214 -8.12 -11.60 30.09
CA GLN A 214 -9.31 -12.10 29.40
C GLN A 214 -9.45 -11.46 28.03
N ASP A 215 -10.01 -12.23 27.10
CA ASP A 215 -10.20 -11.76 25.74
C ASP A 215 -11.62 -12.09 25.28
N TYR A 216 -11.94 -11.72 24.04
CA TYR A 216 -13.32 -11.64 23.58
C TYR A 216 -13.66 -12.74 22.58
N GLY A 217 -14.88 -13.25 22.65
CA GLY A 217 -15.35 -14.26 21.73
C GLY A 217 -16.52 -13.76 20.92
N ILE A 218 -17.19 -14.67 20.18
CA ILE A 218 -18.32 -14.27 19.34
C ILE A 218 -19.33 -13.49 20.17
N GLU A 219 -19.70 -14.03 21.34
CA GLU A 219 -20.70 -13.38 22.17
C GLU A 219 -20.16 -12.09 22.80
N THR A 220 -19.10 -12.20 23.61
CA THR A 220 -18.72 -11.07 24.45
C THR A 220 -18.15 -9.89 23.66
N THR A 221 -17.61 -10.14 22.46
CA THR A 221 -17.25 -9.02 21.60
C THR A 221 -18.44 -8.10 21.34
N GLN A 222 -19.63 -8.68 21.17
CA GLN A 222 -20.78 -7.89 20.77
C GLN A 222 -21.29 -7.04 21.94
N VAL A 223 -21.49 -7.67 23.09
CA VAL A 223 -22.05 -6.91 24.18
C VAL A 223 -21.06 -5.86 24.66
N THR A 224 -19.75 -6.16 24.60
CA THR A 224 -18.76 -5.23 25.12
C THR A 224 -18.58 -4.04 24.19
N ILE A 225 -18.46 -4.30 22.88
CA ILE A 225 -18.36 -3.19 21.93
C ILE A 225 -19.63 -2.34 22.00
N PHE A 226 -20.78 -2.99 22.15
CA PHE A 226 -22.03 -2.25 22.34
C PHE A 226 -21.91 -1.32 23.52
N ALA A 227 -21.52 -1.85 24.68
CA ALA A 227 -21.32 -1.02 25.85
C ALA A 227 -20.38 0.15 25.54
N ILE A 228 -19.28 -0.14 24.84
CA ILE A 228 -18.34 0.91 24.48
C ILE A 228 -19.00 1.91 23.53
N GLN A 229 -19.82 1.42 22.59
CA GLN A 229 -20.50 2.32 21.68
C GLN A 229 -21.45 3.23 22.44
N ILE A 230 -22.24 2.67 23.36
CA ILE A 230 -23.18 3.50 24.11
C ILE A 230 -22.42 4.58 24.87
N ALA A 231 -21.37 4.18 25.57
CA ALA A 231 -20.64 5.10 26.42
C ALA A 231 -19.90 6.16 25.62
N LEU A 232 -19.48 5.85 24.39
CA LEU A 232 -18.77 6.88 23.62
C LEU A 232 -19.73 7.95 23.15
N GLY A 233 -20.93 7.56 22.76
CA GLY A 233 -21.87 8.53 22.23
C GLY A 233 -22.43 9.41 23.32
N GLU A 234 -22.71 8.82 24.48
CA GLU A 234 -23.18 9.63 25.60
C GLU A 234 -22.10 10.58 26.06
N LEU A 235 -20.84 10.14 26.06
CA LEU A 235 -19.74 11.06 26.32
C LEU A 235 -19.77 12.21 25.35
N LEU A 236 -19.92 11.90 24.06
CA LEU A 236 -20.02 12.95 23.05
C LEU A 236 -21.23 13.82 23.31
N ARG A 237 -22.37 13.19 23.60
CA ARG A 237 -23.57 13.96 23.86
C ARG A 237 -23.36 14.88 25.06
N HIS A 238 -22.54 14.42 26.01
CA HIS A 238 -22.30 15.20 27.22
C HIS A 238 -21.59 16.50 26.89
N HIS A 239 -20.84 16.52 25.81
CA HIS A 239 -20.12 17.70 25.37
C HIS A 239 -20.86 18.48 24.29
N GLY A 240 -22.16 18.19 24.10
CA GLY A 240 -22.98 18.99 23.23
C GLY A 240 -23.20 18.43 21.84
N ALA A 241 -22.59 17.30 21.49
CA ALA A 241 -22.74 16.73 20.16
C ALA A 241 -23.99 15.86 20.09
N LYS A 242 -24.39 15.57 18.85
CA LYS A 242 -25.54 14.72 18.58
C LYS A 242 -25.54 14.30 17.12
N PRO A 243 -26.03 13.10 16.80
CA PRO A 243 -26.06 12.66 15.41
C PRO A 243 -27.12 13.40 14.63
N ALA A 244 -26.78 13.82 13.41
CA ALA A 244 -27.83 14.15 12.45
C ALA A 244 -28.53 12.90 11.95
N ALA A 245 -27.76 11.84 11.68
CA ALA A 245 -28.31 10.56 11.28
C ALA A 245 -27.40 9.47 11.84
N VAL A 246 -27.93 8.24 11.89
CA VAL A 246 -27.13 7.06 12.22
C VAL A 246 -27.18 6.08 11.05
N ILE A 247 -26.14 5.26 10.99
CA ILE A 247 -26.12 4.05 10.17
C ILE A 247 -25.41 2.98 10.97
N GLY A 248 -25.87 1.73 10.84
CA GLY A 248 -25.29 0.62 11.58
C GLY A 248 -24.73 -0.48 10.68
N GLN A 249 -23.95 -1.38 11.28
CA GLN A 249 -23.39 -2.50 10.54
C GLN A 249 -23.36 -3.72 11.46
N SER A 250 -24.27 -4.66 11.28
CA SER A 250 -24.36 -5.87 12.10
C SER A 250 -24.48 -5.62 13.57
N LEU A 251 -23.45 -5.96 14.32
CA LEU A 251 -23.44 -5.75 15.74
C LEU A 251 -23.84 -4.34 16.14
N GLY A 252 -23.37 -3.35 15.41
CA GLY A 252 -23.67 -1.98 15.73
C GLY A 252 -25.11 -1.56 15.58
N GLU A 253 -25.92 -2.36 14.91
CA GLU A 253 -27.29 -1.92 14.68
C GLU A 253 -28.02 -1.64 15.99
N ALA A 254 -27.73 -2.40 17.05
CA ALA A 254 -28.41 -2.17 18.31
C ALA A 254 -28.12 -0.78 18.84
N ALA A 255 -26.84 -0.39 18.84
CA ALA A 255 -26.50 0.92 19.37
C ALA A 255 -27.04 2.02 18.48
N SER A 256 -27.03 1.80 17.16
CA SER A 256 -27.57 2.82 16.29
C SER A 256 -29.04 3.08 16.61
N ALA A 257 -29.80 2.03 16.95
CA ALA A 257 -31.21 2.22 17.28
C ALA A 257 -31.37 3.07 18.52
N TYR A 258 -30.50 2.88 19.51
CA TYR A 258 -30.56 3.70 20.72
C TYR A 258 -30.25 5.16 20.41
N PHE A 259 -29.14 5.43 19.72
CA PHE A 259 -28.80 6.82 19.42
C PHE A 259 -29.79 7.48 18.45
N ALA A 260 -30.62 6.69 17.76
CA ALA A 260 -31.66 7.23 16.90
C ALA A 260 -32.98 7.44 17.63
N GLY A 261 -33.03 7.16 18.93
CA GLY A 261 -34.29 7.24 19.62
C GLY A 261 -35.29 6.20 19.19
N GLY A 262 -34.81 5.08 18.65
CA GLY A 262 -35.70 4.02 18.22
C GLY A 262 -35.98 2.97 19.28
N LEU A 263 -35.14 2.90 20.31
CA LEU A 263 -35.34 1.99 21.43
C LEU A 263 -34.73 2.60 22.69
N SER A 264 -35.39 2.35 23.81
CA SER A 264 -34.76 2.63 25.09
C SER A 264 -33.43 1.91 25.19
N LEU A 265 -32.56 2.42 26.06
CA LEU A 265 -31.28 1.74 26.28
C LEU A 265 -31.53 0.30 26.67
N ARG A 266 -32.57 0.05 27.46
CA ARG A 266 -32.88 -1.30 27.88
C ARG A 266 -33.23 -2.18 26.69
N ASP A 267 -34.03 -1.66 25.76
CA ASP A 267 -34.48 -2.50 24.65
C ASP A 267 -33.37 -2.66 23.63
N ALA A 268 -32.54 -1.63 23.45
CA ALA A 268 -31.32 -1.81 22.67
C ALA A 268 -30.44 -2.87 23.30
N THR A 269 -30.36 -2.88 24.64
CA THR A 269 -29.55 -3.90 25.30
C THR A 269 -30.15 -5.29 25.14
N ARG A 270 -31.49 -5.39 25.17
CA ARG A 270 -32.08 -6.70 24.89
C ARG A 270 -31.79 -7.14 23.45
N ALA A 271 -31.74 -6.19 22.52
CA ALA A 271 -31.49 -6.54 21.13
C ALA A 271 -30.08 -7.10 20.94
N ILE A 272 -29.07 -6.47 21.54
CA ILE A 272 -27.72 -7.01 21.35
C ILE A 272 -27.50 -8.28 22.19
N CYS A 273 -28.13 -8.40 23.36
CA CYS A 273 -27.89 -9.57 24.20
C CYS A 273 -28.45 -10.85 23.61
N SER A 274 -29.69 -10.79 23.12
CA SER A 274 -30.30 -12.02 22.60
C SER A 274 -29.55 -12.50 21.36
N ARG A 275 -29.31 -11.59 20.41
CA ARG A 275 -28.56 -11.97 19.22
C ARG A 275 -27.18 -12.54 19.57
N SER A 276 -26.50 -11.97 20.57
CA SER A 276 -25.09 -12.33 20.68
C SER A 276 -24.89 -13.67 21.38
N HIS A 277 -25.67 -14.00 22.41
CA HIS A 277 -25.48 -15.29 23.04
C HIS A 277 -25.96 -16.43 22.15
N LEU A 278 -27.07 -16.21 21.42
CA LEU A 278 -27.50 -17.23 20.46
C LEU A 278 -26.43 -17.48 19.41
N MET A 279 -25.80 -16.43 18.88
CA MET A 279 -24.75 -16.64 17.89
C MET A 279 -23.54 -17.35 18.47
N GLY A 280 -23.10 -16.97 19.67
CA GLY A 280 -21.94 -17.63 20.26
C GLY A 280 -22.21 -19.07 20.67
N GLU A 281 -23.42 -19.37 21.12
CA GLU A 281 -23.75 -20.75 21.44
C GLU A 281 -23.92 -21.56 20.18
N GLY A 282 -24.51 -20.95 19.14
CA GLY A 282 -24.70 -21.65 17.89
C GLY A 282 -23.37 -22.02 17.23
N GLU A 283 -22.49 -21.04 17.04
CA GLU A 283 -21.27 -21.36 16.31
C GLU A 283 -20.34 -22.21 17.16
N ALA A 284 -20.55 -22.24 18.47
CA ALA A 284 -19.71 -23.09 19.30
C ALA A 284 -19.96 -24.56 19.01
N MET A 285 -21.21 -24.93 18.71
CA MET A 285 -21.56 -26.33 18.47
CA MET A 285 -21.56 -26.33 18.47
C MET A 285 -21.47 -26.73 17.00
N LEU A 286 -20.79 -25.94 16.16
CA LEU A 286 -20.67 -26.23 14.74
C LEU A 286 -19.40 -27.02 14.48
N PHE A 287 -19.55 -28.20 13.86
CA PHE A 287 -18.39 -29.00 13.51
C PHE A 287 -18.61 -29.64 12.15
N GLY A 288 -17.53 -29.99 11.48
CA GLY A 288 -17.63 -30.65 10.20
C GLY A 288 -18.33 -30.00 9.04
N GLU A 289 -19.41 -30.61 8.58
CA GLU A 289 -20.11 -30.09 7.42
C GLU A 289 -21.16 -29.07 7.78
N TYR A 290 -21.19 -28.67 9.02
CA TYR A 290 -22.12 -27.68 9.46
C TYR A 290 -21.40 -26.38 9.60
N ILE A 291 -20.11 -26.42 9.30
CA ILE A 291 -19.31 -25.24 9.39
C ILE A 291 -19.52 -24.35 8.21
N ARG A 292 -19.74 -23.08 8.45
CA ARG A 292 -19.87 -22.11 7.37
C ARG A 292 -18.86 -21.02 7.64
N LEU A 293 -18.03 -20.71 6.65
CA LEU A 293 -17.02 -19.69 6.82
C LEU A 293 -17.52 -18.35 6.32
N MET A 294 -16.81 -17.30 6.73
CA MET A 294 -17.07 -15.93 6.37
C MET A 294 -15.75 -15.35 5.89
N ALA A 295 -15.79 -14.57 4.81
CA ALA A 295 -14.56 -14.03 4.25
C ALA A 295 -14.85 -12.74 3.50
N LEU A 296 -13.87 -11.83 3.52
CA LEU A 296 -13.93 -10.60 2.75
C LEU A 296 -13.26 -10.81 1.39
N VAL A 297 -13.97 -10.45 0.31
CA VAL A 297 -13.44 -10.56 -1.05
C VAL A 297 -13.58 -9.23 -1.79
N GLU A 298 -12.60 -8.92 -2.63
CA GLU A 298 -12.63 -7.72 -3.44
C GLU A 298 -13.48 -7.96 -4.70
N TYR A 299 -14.76 -8.22 -4.47
CA TYR A 299 -15.71 -8.34 -5.57
C TYR A 299 -16.88 -7.41 -5.27
N SER A 300 -17.27 -6.64 -6.27
CA SER A 300 -18.46 -5.80 -6.20
C SER A 300 -19.71 -6.68 -6.20
N ALA A 301 -20.85 -6.05 -5.96
CA ALA A 301 -22.12 -6.79 -6.00
C ALA A 301 -22.40 -7.33 -7.41
N ASP A 302 -22.05 -6.57 -8.44
CA ASP A 302 -22.31 -7.07 -9.79
C ASP A 302 -21.34 -8.19 -10.14
N GLU A 303 -20.09 -8.08 -9.67
CA GLU A 303 -19.16 -9.18 -9.85
C GLU A 303 -19.66 -10.44 -9.15
N ILE A 304 -20.12 -10.30 -7.90
CA ILE A 304 -20.64 -11.43 -7.12
C ILE A 304 -21.80 -12.10 -7.85
N ARG A 305 -22.66 -11.30 -8.48
CA ARG A 305 -23.73 -11.86 -9.30
C ARG A 305 -23.18 -12.90 -10.28
N GLU A 306 -22.16 -12.53 -11.05
CA GLU A 306 -21.58 -13.47 -12.01
C GLU A 306 -20.84 -14.58 -11.30
N VAL A 307 -20.04 -14.23 -10.30
CA VAL A 307 -19.09 -15.18 -9.71
C VAL A 307 -19.81 -16.29 -8.96
N PHE A 308 -20.95 -15.98 -8.33
CA PHE A 308 -21.67 -16.99 -7.54
C PHE A 308 -22.35 -18.07 -8.39
N SER A 309 -22.42 -17.93 -9.71
CA SER A 309 -23.04 -19.02 -10.47
C SER A 309 -22.20 -20.27 -10.45
N ASP A 310 -20.92 -20.16 -10.08
CA ASP A 310 -20.06 -21.31 -9.94
C ASP A 310 -20.10 -21.92 -8.54
N PHE A 311 -20.71 -21.23 -7.57
CA PHE A 311 -20.68 -21.64 -6.16
C PHE A 311 -22.10 -21.58 -5.62
N PRO A 312 -22.86 -22.65 -5.75
CA PRO A 312 -24.31 -22.55 -5.54
C PRO A 312 -24.71 -22.28 -4.10
N ASP A 313 -23.82 -22.44 -3.12
CA ASP A 313 -24.21 -22.27 -1.72
C ASP A 313 -23.68 -21.00 -1.06
N LEU A 314 -23.02 -20.12 -1.81
CA LEU A 314 -22.50 -18.88 -1.21
C LEU A 314 -23.61 -17.85 -1.10
N GLU A 315 -23.54 -17.04 -0.03
CA GLU A 315 -24.45 -15.93 0.19
C GLU A 315 -23.66 -14.70 0.57
N VAL A 316 -24.28 -13.53 0.37
CA VAL A 316 -23.68 -12.25 0.74
C VAL A 316 -24.06 -11.94 2.19
N CYS A 317 -23.05 -11.66 3.01
CA CYS A 317 -23.29 -11.24 4.38
C CYS A 317 -23.34 -9.71 4.48
N VAL A 318 -22.33 -9.04 3.93
CA VAL A 318 -22.20 -7.58 4.02
C VAL A 318 -21.68 -7.04 2.70
N TYR A 319 -22.43 -6.11 2.10
CA TYR A 319 -21.89 -5.23 1.06
C TYR A 319 -21.16 -4.11 1.77
N ALA A 320 -19.86 -4.25 1.91
CA ALA A 320 -19.07 -3.36 2.75
C ALA A 320 -18.62 -2.08 2.04
N ALA A 321 -18.04 -2.23 0.84
CA ALA A 321 -17.50 -1.13 0.04
C ALA A 321 -17.93 -1.44 -1.38
N PRO A 322 -17.78 -0.52 -2.35
CA PRO A 322 -18.29 -0.83 -3.70
C PRO A 322 -17.58 -2.02 -4.32
N THR A 323 -16.32 -2.27 -3.96
CA THR A 323 -15.60 -3.42 -4.47
C THR A 323 -15.17 -4.39 -3.37
N GLN A 324 -15.78 -4.33 -2.18
CA GLN A 324 -15.48 -5.31 -1.15
C GLN A 324 -16.76 -5.87 -0.59
N THR A 325 -16.86 -7.20 -0.53
CA THR A 325 -18.05 -7.86 -0.06
C THR A 325 -17.67 -8.99 0.86
N VAL A 326 -18.43 -9.14 1.95
CA VAL A 326 -18.27 -10.28 2.84
C VAL A 326 -19.24 -11.37 2.42
N ILE A 327 -18.72 -12.57 2.21
CA ILE A 327 -19.53 -13.67 1.74
C ILE A 327 -19.41 -14.79 2.76
N GLY A 328 -20.38 -15.71 2.73
CA GLY A 328 -20.40 -16.83 3.65
C GLY A 328 -20.88 -18.09 2.97
N GLY A 329 -20.49 -19.23 3.52
CA GLY A 329 -20.93 -20.49 2.98
C GLY A 329 -20.04 -21.65 3.33
N PRO A 330 -20.28 -22.78 2.68
CA PRO A 330 -19.51 -24.00 2.98
C PRO A 330 -18.02 -23.79 2.73
N PRO A 331 -17.18 -24.35 3.60
CA PRO A 331 -15.72 -24.12 3.48
C PRO A 331 -15.14 -24.41 2.10
N GLU A 332 -15.58 -25.48 1.43
CA GLU A 332 -14.98 -25.78 0.12
C GLU A 332 -15.24 -24.67 -0.88
N GLN A 333 -16.45 -24.12 -0.86
CA GLN A 333 -16.78 -23.06 -1.81
C GLN A 333 -16.09 -21.76 -1.42
N VAL A 334 -16.06 -21.46 -0.11
CA VAL A 334 -15.37 -20.25 0.34
C VAL A 334 -13.92 -20.28 -0.08
N ASP A 335 -13.24 -21.40 0.16
CA ASP A 335 -11.85 -21.53 -0.25
C ASP A 335 -11.70 -21.36 -1.77
N ALA A 336 -12.65 -21.91 -2.53
CA ALA A 336 -12.54 -21.82 -3.99
C ALA A 336 -12.67 -20.37 -4.46
N ILE A 337 -13.65 -19.62 -3.95
CA ILE A 337 -13.81 -18.23 -4.41
C ILE A 337 -12.60 -17.40 -4.02
N LEU A 338 -12.03 -17.64 -2.84
CA LEU A 338 -10.80 -16.93 -2.45
C LEU A 338 -9.69 -17.23 -3.44
N ALA A 339 -9.51 -18.52 -3.77
CA ALA A 339 -8.51 -18.90 -4.76
C ALA A 339 -8.75 -18.22 -6.10
N ARG A 340 -10.01 -18.16 -6.53
CA ARG A 340 -10.31 -17.40 -7.74
C ARG A 340 -9.90 -15.95 -7.58
N ALA A 341 -10.17 -15.36 -6.42
CA ALA A 341 -9.83 -13.97 -6.19
C ALA A 341 -8.31 -13.75 -6.25
N GLU A 342 -7.54 -14.50 -5.46
CA GLU A 342 -6.09 -14.37 -5.49
C GLU A 342 -5.52 -14.50 -6.89
N ALA A 343 -6.05 -15.44 -7.68
CA ALA A 343 -5.55 -15.61 -9.04
C ALA A 343 -5.88 -14.41 -9.90
N GLU A 344 -6.96 -13.69 -9.58
CA GLU A 344 -7.33 -12.47 -10.29
C GLU A 344 -6.76 -11.23 -9.64
N GLY A 345 -5.76 -11.39 -8.77
CA GLY A 345 -5.13 -10.26 -8.12
C GLY A 345 -6.06 -9.43 -7.25
N LYS A 346 -7.04 -10.07 -6.61
CA LYS A 346 -7.98 -9.37 -5.76
C LYS A 346 -7.76 -9.76 -4.31
N PHE A 347 -8.14 -8.86 -3.40
CA PHE A 347 -8.05 -9.12 -1.98
C PHE A 347 -9.03 -10.18 -1.51
N ALA A 348 -8.56 -11.11 -0.68
CA ALA A 348 -9.49 -12.02 -0.02
C ALA A 348 -8.93 -12.43 1.33
N ARG A 349 -9.76 -12.36 2.37
CA ARG A 349 -9.31 -12.63 3.73
C ARG A 349 -10.39 -13.39 4.50
N LYS A 350 -10.01 -14.52 5.07
CA LYS A 350 -10.95 -15.33 5.84
C LYS A 350 -11.08 -14.82 7.27
N PHE A 351 -12.28 -14.91 7.82
CA PHE A 351 -12.56 -14.46 9.18
C PHE A 351 -12.46 -15.62 10.17
N ALA A 352 -12.44 -15.29 11.45
CA ALA A 352 -12.29 -16.28 12.51
C ALA A 352 -13.67 -16.60 13.09
N THR A 353 -14.32 -17.62 12.53
CA THR A 353 -15.66 -18.02 12.91
C THR A 353 -15.99 -19.29 12.16
N LYS A 354 -16.69 -20.24 12.82
CA LYS A 354 -17.17 -21.40 12.08
C LYS A 354 -18.62 -21.25 11.64
N GLY A 355 -19.24 -20.10 11.87
CA GLY A 355 -20.60 -19.85 11.43
C GLY A 355 -20.69 -18.53 10.69
N ALA A 356 -21.65 -18.45 9.78
CA ALA A 356 -21.81 -17.30 8.91
C ALA A 356 -23.09 -16.54 9.30
N SER A 357 -22.92 -15.42 9.97
CA SER A 357 -24.06 -14.53 10.24
C SER A 357 -24.56 -13.94 8.93
N HIS A 358 -25.81 -13.48 8.94
CA HIS A 358 -26.42 -12.85 7.77
C HIS A 358 -26.54 -13.83 6.60
N THR A 359 -26.66 -15.12 6.91
CA THR A 359 -26.95 -16.16 5.95
C THR A 359 -28.07 -17.03 6.48
N SER A 360 -28.54 -17.94 5.63
CA SER A 360 -29.57 -18.88 6.03
C SER A 360 -29.17 -19.76 7.22
N GLN A 361 -27.88 -19.83 7.54
CA GLN A 361 -27.46 -20.59 8.72
C GLN A 361 -28.05 -20.02 10.01
N MET A 362 -28.52 -18.78 9.98
CA MET A 362 -29.17 -18.20 11.15
C MET A 362 -30.62 -18.60 11.32
N ASP A 363 -31.20 -19.32 10.36
CA ASP A 363 -32.60 -19.73 10.46
C ASP A 363 -32.93 -20.48 11.75
N PRO A 364 -32.13 -21.43 12.24
CA PRO A 364 -32.47 -22.09 13.51
C PRO A 364 -32.56 -21.15 14.71
N LEU A 365 -31.99 -19.96 14.66
CA LEU A 365 -31.97 -19.12 15.84
C LEU A 365 -33.18 -18.20 15.92
N LEU A 366 -33.89 -18.01 14.80
CA LEU A 366 -34.83 -16.90 14.72
C LEU A 366 -36.02 -17.11 15.63
N GLY A 367 -36.46 -18.36 15.79
CA GLY A 367 -37.56 -18.64 16.70
C GLY A 367 -37.26 -18.20 18.12
N GLU A 368 -36.07 -18.55 18.61
CA GLU A 368 -35.68 -18.15 19.96
C GLU A 368 -35.44 -16.65 20.06
N LEU A 369 -34.79 -16.06 19.03
CA LEU A 369 -34.63 -14.61 18.99
C LEU A 369 -35.97 -13.91 19.17
N THR A 370 -37.01 -14.41 18.49
CA THR A 370 -38.35 -13.85 18.60
C THR A 370 -38.85 -13.86 20.03
N ALA A 371 -38.70 -15.01 20.70
CA ALA A 371 -39.23 -15.16 22.05
C ALA A 371 -38.53 -14.21 23.02
N GLU A 372 -37.20 -14.10 22.89
CA GLU A 372 -36.41 -13.31 23.82
C GLU A 372 -36.64 -11.82 23.66
N LEU A 373 -37.22 -11.38 22.54
CA LEU A 373 -37.45 -9.97 22.31
C LEU A 373 -38.91 -9.58 22.46
N GLN A 374 -39.79 -10.51 22.83
CA GLN A 374 -41.15 -10.13 23.15
C GLN A 374 -41.12 -9.08 24.24
N GLY A 375 -41.84 -7.97 24.02
CA GLY A 375 -41.93 -6.93 25.01
C GLY A 375 -41.20 -5.65 24.68
N ILE A 376 -40.29 -5.66 23.71
CA ILE A 376 -39.59 -4.42 23.36
C ILE A 376 -40.58 -3.42 22.76
N LYS A 377 -40.27 -2.14 22.91
CA LYS A 377 -41.17 -1.07 22.47
C LYS A 377 -40.46 -0.16 21.47
N PRO A 378 -40.70 -0.33 20.17
CA PRO A 378 -40.09 0.57 19.18
C PRO A 378 -40.71 1.96 19.24
N THR A 379 -39.88 2.95 18.99
CA THR A 379 -40.27 4.35 19.14
C THR A 379 -39.92 5.11 17.87
N SER A 380 -40.66 6.19 17.63
CA SER A 380 -40.38 7.03 16.49
C SER A 380 -38.98 7.64 16.62
N PRO A 381 -38.12 7.52 15.60
CA PRO A 381 -36.76 8.05 15.71
C PRO A 381 -36.71 9.56 15.87
N THR A 382 -35.61 10.01 16.48
CA THR A 382 -35.40 11.41 16.78
C THR A 382 -34.31 12.03 15.92
N CYS A 383 -33.64 11.21 15.11
CA CYS A 383 -32.75 11.65 14.03
C CYS A 383 -32.92 10.67 12.87
N GLY A 384 -32.27 10.97 11.75
CA GLY A 384 -32.44 10.14 10.58
C GLY A 384 -31.73 8.80 10.71
N ILE A 385 -32.23 7.81 9.99
CA ILE A 385 -31.66 6.46 10.00
C ILE A 385 -31.41 6.03 8.57
N PHE A 386 -30.18 5.70 8.25
CA PHE A 386 -29.90 4.96 7.04
C PHE A 386 -29.89 3.49 7.44
N SER A 387 -30.94 2.77 7.10
CA SER A 387 -31.10 1.39 7.58
C SER A 387 -30.44 0.43 6.61
N THR A 388 -29.31 -0.15 7.03
CA THR A 388 -28.63 -1.13 6.21
C THR A 388 -29.29 -2.49 6.29
N VAL A 389 -30.21 -2.67 7.24
CA VAL A 389 -31.10 -3.82 7.22
C VAL A 389 -32.07 -3.71 6.04
N HIS A 390 -32.78 -2.58 5.94
CA HIS A 390 -33.75 -2.33 4.86
C HIS A 390 -33.05 -1.73 3.64
N GLU A 391 -32.04 -2.46 3.17
CA GLU A 391 -31.42 -2.21 1.87
C GLU A 391 -30.79 -0.82 1.77
N GLY A 392 -30.50 -0.18 2.91
CA GLY A 392 -29.83 1.12 2.91
C GLY A 392 -30.74 2.33 2.79
N ARG A 393 -32.05 2.16 2.92
CA ARG A 393 -32.94 3.29 2.71
C ARG A 393 -33.01 4.18 3.95
N TYR A 394 -33.46 5.41 3.75
CA TYR A 394 -33.46 6.43 4.77
C TYR A 394 -34.82 6.51 5.46
N ILE A 395 -34.80 6.70 6.78
CA ILE A 395 -36.02 6.94 7.54
C ILE A 395 -35.89 8.29 8.22
N LYS A 396 -36.86 9.17 7.95
CA LYS A 396 -36.86 10.55 8.42
C LYS A 396 -37.03 10.59 9.94
N PRO A 397 -36.49 11.63 10.60
CA PRO A 397 -36.83 11.85 12.01
C PRO A 397 -38.34 11.98 12.17
N GLY A 398 -38.87 11.36 13.22
CA GLY A 398 -40.30 11.41 13.44
C GLY A 398 -41.10 10.44 12.62
N GLY A 399 -40.46 9.65 11.77
CA GLY A 399 -41.17 8.66 11.00
C GLY A 399 -41.72 7.55 11.87
N GLU A 400 -42.27 6.55 11.18
CA GLU A 400 -42.81 5.41 11.89
C GLU A 400 -41.67 4.59 12.51
N PRO A 401 -41.92 3.91 13.63
CA PRO A 401 -40.88 3.05 14.21
C PRO A 401 -40.51 1.91 13.27
N ILE A 402 -39.22 1.60 13.25
CA ILE A 402 -38.72 0.45 12.49
C ILE A 402 -38.18 -0.68 13.36
N HIS A 403 -37.82 -0.41 14.61
CA HIS A 403 -37.01 -1.37 15.39
C HIS A 403 -37.84 -2.44 16.10
N ASP A 404 -38.79 -2.94 15.33
CA ASP A 404 -39.60 -4.14 15.48
C ASP A 404 -38.85 -5.41 15.89
N VAL A 405 -39.54 -6.40 16.46
CA VAL A 405 -38.94 -7.73 16.61
C VAL A 405 -38.55 -8.30 15.26
N GLU A 406 -39.37 -8.07 14.24
CA GLU A 406 -39.04 -8.58 12.91
C GLU A 406 -37.79 -7.90 12.38
N TYR A 407 -37.52 -6.65 12.80
CA TYR A 407 -36.34 -5.94 12.32
C TYR A 407 -35.05 -6.62 12.77
N TRP A 408 -35.01 -7.11 14.02
CA TRP A 408 -33.80 -7.76 14.54
C TRP A 408 -33.64 -9.15 13.93
N LYS A 409 -34.74 -9.88 13.72
CA LYS A 409 -34.68 -11.13 12.97
C LYS A 409 -34.12 -10.88 11.56
N LYS A 410 -34.72 -9.95 10.82
CA LYS A 410 -34.26 -9.66 9.47
C LYS A 410 -32.80 -9.22 9.49
N GLY A 411 -32.42 -8.43 10.49
CA GLY A 411 -31.04 -7.93 10.54
C GLY A 411 -30.03 -9.03 10.71
N LEU A 412 -30.32 -9.99 11.60
CA LEU A 412 -29.39 -11.11 11.83
C LEU A 412 -29.34 -12.03 10.63
N ARG A 413 -30.47 -12.23 9.98
CA ARG A 413 -30.61 -13.28 8.99
C ARG A 413 -30.15 -12.84 7.60
N HIS A 414 -30.22 -11.55 7.26
CA HIS A 414 -30.07 -11.09 5.89
C HIS A 414 -28.88 -10.16 5.73
N SER A 415 -28.57 -9.85 4.46
CA SER A 415 -27.39 -9.09 4.08
C SER A 415 -27.42 -7.68 4.69
N VAL A 416 -26.23 -7.14 4.93
CA VAL A 416 -26.06 -5.79 5.45
C VAL A 416 -25.67 -4.91 4.29
N TYR A 417 -26.49 -3.91 4.01
CA TYR A 417 -26.30 -3.03 2.86
C TYR A 417 -25.53 -1.78 3.28
N PHE A 418 -24.27 -1.99 3.70
CA PHE A 418 -23.51 -0.89 4.26
C PHE A 418 -23.17 0.14 3.20
N THR A 419 -22.52 -0.28 2.12
CA THR A 419 -22.08 0.69 1.13
C THR A 419 -23.28 1.44 0.54
N HIS A 420 -24.44 0.79 0.47
CA HIS A 420 -25.64 1.46 -0.04
C HIS A 420 -26.15 2.51 0.94
N GLY A 421 -26.13 2.19 2.23
CA GLY A 421 -26.47 3.21 3.23
C GLY A 421 -25.56 4.42 3.11
N ILE A 422 -24.25 4.19 3.08
CA ILE A 422 -23.27 5.27 2.99
C ILE A 422 -23.50 6.06 1.70
N ARG A 423 -23.55 5.36 0.56
CA ARG A 423 -23.79 6.03 -0.71
C ARG A 423 -25.05 6.88 -0.64
N ASN A 424 -26.07 6.38 0.04
CA ASN A 424 -27.32 7.14 0.19
C ASN A 424 -27.09 8.40 1.03
N ALA A 425 -26.27 8.31 2.07
CA ALA A 425 -25.96 9.48 2.88
C ALA A 425 -25.21 10.52 2.06
N VAL A 426 -24.22 10.08 1.28
CA VAL A 426 -23.48 11.00 0.44
C VAL A 426 -24.42 11.68 -0.55
N ASP A 427 -25.23 10.90 -1.25
CA ASP A 427 -26.13 11.47 -2.24
C ASP A 427 -27.16 12.41 -1.62
N SER A 428 -27.37 12.36 -0.31
CA SER A 428 -28.27 13.32 0.33
C SER A 428 -27.51 14.45 1.05
N GLY A 429 -26.22 14.61 0.76
CA GLY A 429 -25.50 15.77 1.19
C GLY A 429 -24.60 15.61 2.39
N HIS A 430 -24.58 14.45 3.05
CA HIS A 430 -23.75 14.27 4.24
C HIS A 430 -22.27 14.08 3.89
N THR A 431 -21.39 14.78 4.62
CA THR A 431 -19.97 14.62 4.36
C THR A 431 -19.17 14.21 5.58
N THR A 432 -19.74 14.28 6.78
CA THR A 432 -19.05 13.92 8.01
C THR A 432 -19.59 12.58 8.48
N PHE A 433 -18.70 11.61 8.62
CA PHE A 433 -19.03 10.30 9.15
C PHE A 433 -18.16 10.09 10.38
N LEU A 434 -18.79 9.92 11.54
CA LEU A 434 -18.10 9.73 12.81
C LEU A 434 -18.36 8.31 13.28
N GLU A 435 -17.30 7.55 13.54
CA GLU A 435 -17.43 6.14 13.88
C GLU A 435 -17.12 5.93 15.36
N LEU A 436 -18.13 5.45 16.09
CA LEU A 436 -17.99 5.09 17.51
C LEU A 436 -17.53 3.63 17.54
N ALA A 437 -16.31 3.38 18.02
CA ALA A 437 -15.72 2.06 17.95
C ALA A 437 -14.43 2.04 18.74
N PRO A 438 -13.99 0.86 19.20
CA PRO A 438 -12.63 0.73 19.77
C PRO A 438 -11.54 0.76 18.71
N ASN A 439 -11.90 0.68 17.43
CA ASN A 439 -10.94 0.73 16.33
C ASN A 439 -11.70 1.20 15.11
N PRO A 440 -11.16 2.07 14.29
CA PRO A 440 -11.93 2.68 13.20
C PRO A 440 -11.97 1.84 11.92
N VAL A 441 -12.38 0.57 12.04
CA VAL A 441 -12.32 -0.33 10.89
C VAL A 441 -13.34 0.08 9.83
N ALA A 442 -14.58 0.39 10.23
CA ALA A 442 -15.60 0.71 9.23
C ALA A 442 -15.30 2.01 8.51
N LEU A 443 -14.56 2.92 9.15
CA LEU A 443 -14.25 4.16 8.45
C LEU A 443 -13.46 3.89 7.19
N MET A 444 -12.68 2.80 7.16
CA MET A 444 -11.99 2.43 5.93
C MET A 444 -12.97 2.11 4.81
N GLN A 445 -14.03 1.35 5.13
CA GLN A 445 -15.01 1.02 4.10
C GLN A 445 -15.78 2.27 3.67
N VAL A 446 -16.09 3.16 4.63
CA VAL A 446 -16.79 4.41 4.30
C VAL A 446 -16.00 5.24 3.29
N ALA A 447 -14.68 5.36 3.50
CA ALA A 447 -13.85 6.15 2.59
C ALA A 447 -13.91 5.58 1.19
N LEU A 448 -13.96 4.25 1.05
CA LEU A 448 -14.10 3.66 -0.26
C LEU A 448 -15.39 4.11 -0.93
N THR A 449 -16.48 4.18 -0.18
CA THR A 449 -17.75 4.52 -0.81
C THR A 449 -17.84 6.00 -1.12
N THR A 450 -17.35 6.86 -0.22
CA THR A 450 -17.43 8.31 -0.48
C THR A 450 -16.59 8.67 -1.71
N ALA A 451 -15.37 8.15 -1.79
CA ALA A 451 -14.56 8.42 -2.98
C ALA A 451 -15.25 7.91 -4.24
N ASP A 452 -15.85 6.72 -4.16
CA ASP A 452 -16.54 6.18 -5.33
C ASP A 452 -17.73 7.03 -5.73
N ALA A 453 -18.41 7.64 -4.75
CA ALA A 453 -19.50 8.56 -5.05
C ALA A 453 -19.01 9.91 -5.54
N GLY A 454 -17.69 10.12 -5.64
CA GLY A 454 -17.16 11.40 -6.07
C GLY A 454 -16.82 12.38 -4.96
N LEU A 455 -17.22 12.10 -3.72
CA LEU A 455 -16.94 13.00 -2.60
C LEU A 455 -15.52 12.72 -2.11
N HIS A 456 -14.59 13.60 -2.45
CA HIS A 456 -13.23 13.41 -1.97
C HIS A 456 -12.92 14.21 -0.70
N ASP A 457 -13.68 15.28 -0.43
CA ASP A 457 -13.53 16.04 0.82
C ASP A 457 -14.52 15.55 1.87
N ALA A 458 -14.29 14.32 2.35
CA ALA A 458 -15.14 13.76 3.40
C ALA A 458 -14.47 13.92 4.76
N GLN A 459 -15.28 14.25 5.77
CA GLN A 459 -14.82 14.36 7.15
C GLN A 459 -15.02 13.01 7.83
N LEU A 460 -13.96 12.20 7.83
CA LEU A 460 -13.95 10.86 8.41
C LEU A 460 -13.32 10.92 9.81
N ILE A 461 -14.16 10.91 10.84
CA ILE A 461 -13.76 11.17 12.22
C ILE A 461 -13.82 9.85 12.99
N PRO A 462 -12.69 9.31 13.43
CA PRO A 462 -12.69 8.11 14.29
C PRO A 462 -12.95 8.49 15.75
N THR A 463 -13.06 7.47 16.59
CA THR A 463 -13.04 7.68 18.03
C THR A 463 -11.84 6.94 18.60
N LEU A 464 -12.03 5.78 19.23
CA LEU A 464 -10.89 5.13 19.87
C LEU A 464 -10.12 4.30 18.85
N ALA A 465 -8.89 3.96 19.22
CA ALA A 465 -8.02 3.18 18.36
C ALA A 465 -7.02 2.44 19.23
N ARG A 466 -6.78 1.17 18.89
CA ARG A 466 -5.80 0.38 19.61
C ARG A 466 -4.45 1.07 19.59
N LYS A 467 -3.77 1.07 20.73
CA LYS A 467 -2.46 1.69 20.89
C LYS A 467 -2.48 3.20 20.59
N GLN A 468 -3.65 3.86 20.63
CA GLN A 468 -3.75 5.31 20.72
C GLN A 468 -4.35 5.67 22.08
N ASP A 469 -3.72 6.62 22.78
CA ASP A 469 -4.22 7.10 24.08
C ASP A 469 -5.70 7.42 23.99
N GLU A 470 -6.54 6.68 24.72
CA GLU A 470 -7.97 6.78 24.48
C GLU A 470 -8.53 8.16 24.82
N VAL A 471 -7.96 8.85 25.81
CA VAL A 471 -8.41 10.20 26.12
C VAL A 471 -8.01 11.17 25.00
N SER A 472 -6.75 11.08 24.54
CA SER A 472 -6.30 11.94 23.44
C SER A 472 -7.18 11.74 22.22
N SER A 473 -7.58 10.50 21.96
CA SER A 473 -8.43 10.22 20.81
C SER A 473 -9.72 11.01 20.87
N MET A 474 -10.36 11.05 22.05
CA MET A 474 -11.65 11.72 22.14
C MET A 474 -11.50 13.22 22.11
N VAL A 475 -10.43 13.75 22.70
CA VAL A 475 -10.10 15.16 22.49
C VAL A 475 -10.09 15.47 21.00
N SER A 476 -9.41 14.63 20.22
CA SER A 476 -9.26 14.89 18.81
C SER A 476 -10.59 14.82 18.09
N THR A 477 -11.43 13.86 18.48
CA THR A 477 -12.76 13.73 17.91
C THR A 477 -13.56 15.00 18.11
N MET A 478 -13.61 15.48 19.35
CA MET A 478 -14.40 16.67 19.63
C MET A 478 -13.77 17.90 19.03
N ALA A 479 -12.43 17.96 18.95
CA ALA A 479 -11.80 19.05 18.21
C ALA A 479 -12.34 19.11 16.78
N GLN A 480 -12.39 17.96 16.10
CA GLN A 480 -12.82 17.95 14.70
C GLN A 480 -14.28 18.36 14.56
N LEU A 481 -15.16 17.85 15.42
CA LEU A 481 -16.55 18.31 15.42
C LEU A 481 -16.63 19.83 15.47
N TYR A 482 -15.78 20.47 16.28
CA TYR A 482 -15.80 21.92 16.40
C TYR A 482 -15.35 22.60 15.12
N VAL A 483 -14.19 22.17 14.57
CA VAL A 483 -13.59 22.90 13.46
C VAL A 483 -14.53 22.89 12.26
N TYR A 484 -15.34 21.84 12.12
CA TYR A 484 -16.29 21.75 11.01
C TYR A 484 -17.65 22.36 11.31
N GLY A 485 -17.86 22.91 12.50
CA GLY A 485 -19.10 23.59 12.79
C GLY A 485 -20.23 22.73 13.29
N HIS A 486 -19.97 21.46 13.60
CA HIS A 486 -21.03 20.62 14.16
C HIS A 486 -21.27 20.99 15.62
N ASP A 487 -22.40 20.53 16.16
CA ASP A 487 -22.72 20.75 17.56
C ASP A 487 -21.61 20.23 18.46
N LEU A 488 -20.99 21.14 19.20
CA LEU A 488 -20.03 20.77 20.23
C LEU A 488 -19.63 21.99 21.05
N ASP A 489 -19.84 21.93 22.36
CA ASP A 489 -19.50 23.06 23.23
C ASP A 489 -18.03 22.95 23.60
N ILE A 490 -17.19 23.64 22.84
CA ILE A 490 -15.75 23.54 23.04
C ILE A 490 -15.33 24.00 24.43
N ARG A 491 -16.17 24.79 25.11
CA ARG A 491 -15.83 25.21 26.47
C ARG A 491 -15.81 24.03 27.42
N THR A 492 -16.66 23.03 27.19
CA THR A 492 -16.70 21.88 28.07
C THR A 492 -15.48 20.99 27.94
N LEU A 493 -14.57 21.26 27.00
CA LEU A 493 -13.35 20.48 26.97
C LEU A 493 -12.34 20.90 28.02
N PHE A 494 -12.68 21.87 28.87
CA PHE A 494 -11.75 22.33 29.89
C PHE A 494 -12.46 22.39 31.23
N SER A 495 -11.79 21.94 32.28
CA SER A 495 -12.37 22.02 33.61
C SER A 495 -12.63 23.48 34.01
N ARG A 496 -13.69 23.69 34.78
CA ARG A 496 -14.01 25.05 35.22
C ARG A 496 -12.81 25.65 35.94
N ALA A 497 -12.58 26.94 35.71
CA ALA A 497 -11.47 27.65 36.32
C ALA A 497 -11.75 27.91 37.80
N SER A 498 -10.72 27.72 38.61
CA SER A 498 -10.77 28.05 40.03
C SER A 498 -9.77 29.13 40.40
N GLY A 499 -9.15 29.77 39.43
CA GLY A 499 -8.14 30.75 39.72
C GLY A 499 -7.70 31.46 38.46
N PRO A 500 -7.02 32.60 38.62
CA PRO A 500 -6.54 33.33 37.45
C PRO A 500 -5.46 32.59 36.69
N GLN A 501 -4.78 31.62 37.32
CA GLN A 501 -3.76 30.83 36.63
C GLN A 501 -4.38 29.89 35.60
N ASP A 502 -5.70 29.69 35.65
CA ASP A 502 -6.40 28.83 34.72
C ASP A 502 -6.64 29.47 33.36
N TYR A 503 -6.42 30.78 33.23
CA TYR A 503 -6.49 31.49 31.97
C TYR A 503 -5.11 32.03 31.60
N ALA A 504 -4.96 32.35 30.32
CA ALA A 504 -3.74 32.97 29.85
C ALA A 504 -4.02 34.44 29.59
N ASN A 505 -2.97 35.24 29.69
CA ASN A 505 -3.08 36.69 29.58
C ASN A 505 -3.23 37.09 28.11
N ILE A 506 -4.34 36.64 27.53
CA ILE A 506 -4.67 36.91 26.13
C ILE A 506 -6.17 37.21 26.05
N PRO A 507 -6.65 37.72 24.93
CA PRO A 507 -8.10 37.85 24.75
C PRO A 507 -8.74 36.48 24.70
N PRO A 508 -9.93 36.29 25.30
CA PRO A 508 -10.77 37.33 25.92
C PRO A 508 -10.58 37.47 27.44
N THR A 509 -9.44 36.99 27.97
CA THR A 509 -9.25 36.89 29.41
C THR A 509 -8.01 37.64 29.87
N ARG A 510 -7.66 38.75 29.23
CA ARG A 510 -6.54 39.56 29.67
C ARG A 510 -6.74 40.11 31.07
N PHE A 511 -5.66 40.22 31.81
CA PHE A 511 -5.74 40.67 33.19
C PHE A 511 -5.49 42.18 33.28
N LYS A 512 -6.39 42.88 33.97
CA LYS A 512 -6.32 44.34 34.11
C LYS A 512 -5.11 44.82 34.90
N GLU B 45 -1.52 16.11 -26.10
CA GLU B 45 -1.26 16.07 -27.54
C GLU B 45 0.25 16.05 -27.83
N LEU B 46 0.82 14.81 -27.90
CA LEU B 46 2.25 14.52 -27.99
C LEU B 46 2.70 14.34 -29.43
N PRO B 47 3.97 14.71 -29.71
CA PRO B 47 4.55 14.46 -31.04
C PRO B 47 4.47 13.02 -31.47
N GLY B 48 4.74 12.75 -32.75
CA GLY B 48 4.78 11.41 -33.27
C GLY B 48 6.18 11.07 -33.73
N VAL B 49 6.34 9.81 -34.15
CA VAL B 49 7.64 9.34 -34.60
C VAL B 49 8.14 10.26 -35.70
N THR B 50 9.35 10.81 -35.52
CA THR B 50 9.88 11.76 -36.48
C THR B 50 10.13 11.10 -37.82
N GLU B 51 10.07 11.93 -38.86
CA GLU B 51 10.28 11.47 -40.22
C GLU B 51 11.64 10.80 -40.35
N GLU B 52 12.68 11.38 -39.73
CA GLU B 52 14.00 10.79 -39.80
C GLU B 52 14.07 9.47 -39.03
N ALA B 53 13.32 9.35 -37.93
CA ALA B 53 13.22 8.06 -37.27
C ALA B 53 12.68 7.02 -38.25
N LEU B 54 11.58 7.34 -38.92
CA LEU B 54 10.98 6.42 -39.88
C LEU B 54 11.97 6.04 -40.97
N ARG B 55 12.67 7.03 -41.53
CA ARG B 55 13.67 6.71 -42.54
C ARG B 55 14.69 5.73 -41.99
N LEU B 56 15.28 6.03 -40.84
CA LEU B 56 16.23 5.12 -40.22
C LEU B 56 15.60 3.75 -39.92
N LYS B 57 14.31 3.70 -39.62
CA LYS B 57 13.66 2.42 -39.37
C LYS B 57 13.66 1.55 -40.59
N GLU B 58 13.26 2.11 -41.71
CA GLU B 58 13.19 1.35 -42.92
C GLU B 58 14.55 0.82 -43.31
N ALA B 59 15.56 1.66 -43.30
CA ALA B 59 16.90 1.15 -43.57
C ALA B 59 17.21 -0.01 -42.64
N ALA B 60 16.87 0.14 -41.36
CA ALA B 60 17.22 -0.88 -40.37
C ALA B 60 16.54 -2.21 -40.69
N LEU B 61 15.24 -2.17 -41.03
CA LEU B 61 14.53 -3.40 -41.37
C LEU B 61 15.09 -4.03 -42.63
N GLU B 62 15.40 -3.23 -43.65
CA GLU B 62 15.97 -3.78 -44.87
C GLU B 62 17.28 -4.49 -44.58
N GLU B 63 18.12 -3.90 -43.73
CA GLU B 63 19.35 -4.56 -43.34
C GLU B 63 19.06 -5.85 -42.59
N LEU B 64 18.11 -5.79 -41.65
CA LEU B 64 17.66 -6.98 -40.94
C LEU B 64 17.18 -8.06 -41.91
N ALA B 65 16.24 -7.71 -42.79
CA ALA B 65 15.73 -8.65 -43.79
C ALA B 65 16.82 -9.20 -44.69
N ALA B 66 17.96 -8.52 -44.79
CA ALA B 66 19.09 -9.02 -45.55
C ALA B 66 19.98 -10.00 -44.79
N GLN B 67 19.61 -10.40 -43.58
CA GLN B 67 20.51 -11.16 -42.72
C GLN B 67 20.13 -12.64 -42.70
N GLU B 68 21.10 -13.46 -42.33
CA GLU B 68 20.88 -14.88 -42.13
C GLU B 68 19.81 -15.12 -41.07
N VAL B 69 18.76 -15.87 -41.45
CA VAL B 69 17.71 -16.22 -40.50
C VAL B 69 18.21 -17.24 -39.49
N THR B 70 17.84 -17.04 -38.22
CA THR B 70 18.34 -17.88 -37.14
C THR B 70 17.16 -18.48 -36.37
N ALA B 71 17.41 -19.63 -35.76
CA ALA B 71 16.33 -20.37 -35.11
C ALA B 71 15.91 -19.67 -33.83
N PRO B 72 14.62 -19.42 -33.62
CA PRO B 72 14.19 -18.85 -32.34
C PRO B 72 14.59 -19.74 -31.19
N LEU B 73 14.67 -19.14 -30.00
CA LEU B 73 14.85 -19.87 -28.77
C LEU B 73 13.46 -20.21 -28.23
N VAL B 74 13.15 -21.48 -28.13
CA VAL B 74 11.82 -21.94 -27.72
C VAL B 74 11.89 -22.41 -26.27
N PRO B 75 11.02 -21.90 -25.39
CA PRO B 75 10.95 -22.34 -23.99
C PRO B 75 10.06 -23.57 -23.86
N LEU B 76 10.64 -24.69 -23.43
CA LEU B 76 9.89 -25.93 -23.23
C LEU B 76 9.72 -26.14 -21.72
N ALA B 77 8.47 -26.05 -21.26
CA ALA B 77 8.15 -26.09 -19.83
C ALA B 77 7.72 -27.50 -19.45
N VAL B 78 8.29 -28.01 -18.35
CA VAL B 78 7.94 -29.32 -17.79
C VAL B 78 7.73 -29.15 -16.29
N SER B 79 6.69 -29.80 -15.75
CA SER B 79 6.35 -29.55 -14.36
C SER B 79 5.56 -30.71 -13.77
N ALA B 80 5.52 -30.73 -12.44
CA ALA B 80 4.76 -31.73 -11.68
C ALA B 80 4.70 -31.27 -10.22
N PHE B 81 3.94 -32.02 -9.42
CA PHE B 81 3.85 -31.78 -7.99
C PHE B 81 5.19 -31.99 -7.27
N LEU B 82 5.97 -32.97 -7.71
CA LEU B 82 7.25 -33.31 -7.10
C LEU B 82 8.35 -33.39 -8.16
N THR B 83 9.54 -32.94 -7.79
CA THR B 83 10.70 -33.08 -8.65
C THR B 83 10.83 -34.50 -9.20
N SER B 84 10.61 -35.52 -8.35
CA SER B 84 10.78 -36.90 -8.81
C SER B 84 9.79 -37.26 -9.91
N ARG B 85 8.58 -36.69 -9.88
CA ARG B 85 7.64 -36.89 -10.98
C ARG B 85 8.01 -36.02 -12.18
N LYS B 86 8.50 -34.80 -11.93
CA LYS B 86 8.96 -33.94 -13.02
C LYS B 86 10.07 -34.62 -13.80
N LYS B 87 10.99 -35.32 -13.11
CA LYS B 87 12.09 -35.97 -13.81
C LYS B 87 11.58 -37.07 -14.73
N ALA B 88 10.59 -37.85 -14.27
CA ALA B 88 10.01 -38.87 -15.13
C ALA B 88 9.30 -38.26 -16.33
N ALA B 89 8.59 -37.15 -16.11
CA ALA B 89 7.95 -36.45 -17.21
C ALA B 89 8.98 -36.00 -18.26
N ALA B 90 10.08 -35.38 -17.82
CA ALA B 90 11.10 -34.91 -18.75
C ALA B 90 11.68 -36.08 -19.54
N ALA B 91 11.92 -37.21 -18.88
CA ALA B 91 12.47 -38.37 -19.58
C ALA B 91 11.49 -38.88 -20.64
N GLU B 92 10.20 -39.00 -20.28
CA GLU B 92 9.18 -39.41 -21.24
C GLU B 92 9.17 -38.49 -22.45
N LEU B 93 9.20 -37.18 -22.19
CA LEU B 93 9.14 -36.19 -23.26
C LEU B 93 10.37 -36.25 -24.16
N ALA B 94 11.55 -36.41 -23.58
CA ALA B 94 12.76 -36.63 -24.37
C ALA B 94 12.61 -37.86 -25.26
N ASP B 95 12.20 -38.98 -24.68
CA ASP B 95 12.02 -40.19 -25.49
C ASP B 95 11.05 -39.95 -26.63
N TRP B 96 9.96 -39.24 -26.36
CA TRP B 96 8.97 -39.00 -27.40
C TRP B 96 9.52 -38.09 -28.49
N MET B 97 10.32 -37.08 -28.13
CA MET B 97 10.94 -36.22 -29.13
C MET B 97 11.97 -36.95 -29.98
N GLN B 98 12.55 -38.04 -29.49
CA GLN B 98 13.38 -38.88 -30.35
C GLN B 98 12.56 -39.76 -31.27
N SER B 99 11.31 -40.04 -30.91
CA SER B 99 10.52 -40.97 -31.68
C SER B 99 10.09 -40.31 -33.00
N PRO B 100 9.63 -41.11 -33.97
CA PRO B 100 9.33 -40.51 -35.29
C PRO B 100 8.33 -39.37 -35.20
N GLU B 101 7.25 -39.54 -34.44
CA GLU B 101 6.23 -38.51 -34.37
C GLU B 101 6.76 -37.22 -33.75
N GLY B 102 7.58 -37.34 -32.70
CA GLY B 102 8.17 -36.16 -32.09
C GLY B 102 9.15 -35.48 -33.01
N GLN B 103 9.90 -36.28 -33.78
CA GLN B 103 10.81 -35.72 -34.77
C GLN B 103 10.07 -34.92 -35.82
N ALA B 104 8.85 -35.32 -36.18
CA ALA B 104 8.06 -34.65 -37.20
C ALA B 104 7.26 -33.48 -36.66
N SER B 105 7.41 -33.15 -35.39
CA SER B 105 6.68 -32.03 -34.78
C SER B 105 7.63 -30.86 -34.63
N SER B 106 7.15 -29.67 -34.97
CA SER B 106 7.96 -28.46 -34.80
C SER B 106 8.18 -28.16 -33.33
N LEU B 107 9.38 -27.67 -33.01
CA LEU B 107 9.70 -27.22 -31.67
C LEU B 107 8.64 -26.26 -31.12
N GLU B 108 8.13 -25.37 -31.98
CA GLU B 108 7.21 -24.36 -31.48
C GLU B 108 5.88 -24.97 -31.04
N SER B 109 5.36 -25.94 -31.81
CA SER B 109 4.10 -26.58 -31.45
C SER B 109 4.25 -27.47 -30.21
N ILE B 110 5.44 -28.06 -30.03
CA ILE B 110 5.73 -28.77 -28.79
C ILE B 110 5.68 -27.81 -27.62
N GLY B 111 6.40 -26.70 -27.73
CA GLY B 111 6.36 -25.69 -26.68
C GLY B 111 4.96 -25.21 -26.41
N ARG B 112 4.22 -24.89 -27.47
CA ARG B 112 2.85 -24.43 -27.28
C ARG B 112 2.03 -25.48 -26.52
N SER B 113 2.18 -26.76 -26.90
CA SER B 113 1.42 -27.81 -26.24
C SER B 113 1.79 -27.87 -24.76
N LEU B 114 3.09 -27.88 -24.46
CA LEU B 114 3.55 -27.89 -23.07
C LEU B 114 3.00 -26.72 -22.27
N SER B 115 2.85 -25.55 -22.90
CA SER B 115 2.43 -24.37 -22.15
C SER B 115 0.98 -24.42 -21.74
N ARG B 116 0.16 -25.27 -22.37
CA ARG B 116 -1.26 -25.37 -22.02
C ARG B 116 -1.55 -26.42 -20.95
N ARG B 117 -0.54 -27.17 -20.50
CA ARG B 117 -0.73 -28.07 -19.39
C ARG B 117 -0.93 -27.30 -18.10
N ASN B 118 -1.33 -28.05 -17.08
CA ASN B 118 -1.24 -27.56 -15.71
C ASN B 118 0.23 -27.34 -15.35
N HIS B 119 0.47 -26.37 -14.49
CA HIS B 119 1.85 -26.02 -14.15
C HIS B 119 2.07 -26.33 -12.67
N GLY B 120 2.69 -27.47 -12.39
CA GLY B 120 2.84 -27.93 -11.03
C GLY B 120 3.86 -27.09 -10.30
N ARG B 121 4.08 -27.43 -9.03
CA ARG B 121 4.95 -26.59 -8.21
C ARG B 121 6.43 -26.82 -8.53
N SER B 122 6.81 -28.02 -8.99
CA SER B 122 8.19 -28.31 -9.35
C SER B 122 8.34 -28.07 -10.85
N ARG B 123 9.19 -27.12 -11.23
CA ARG B 123 9.23 -26.62 -12.59
C ARG B 123 10.63 -26.71 -13.16
N ALA B 124 10.67 -26.83 -14.47
CA ALA B 124 11.90 -26.69 -15.24
C ALA B 124 11.50 -26.12 -16.59
N VAL B 125 12.39 -25.34 -17.19
CA VAL B 125 12.28 -24.93 -18.57
C VAL B 125 13.57 -25.32 -19.28
N VAL B 126 13.44 -25.97 -20.44
CA VAL B 126 14.56 -26.20 -21.34
C VAL B 126 14.45 -25.19 -22.47
N LEU B 127 15.53 -24.44 -22.70
CA LEU B 127 15.55 -23.45 -23.77
C LEU B 127 16.30 -24.04 -24.96
N ALA B 128 15.65 -24.10 -26.12
CA ALA B 128 16.18 -24.93 -27.21
C ALA B 128 15.92 -24.25 -28.55
N HIS B 129 16.86 -24.48 -29.48
CA HIS B 129 16.71 -24.04 -30.86
C HIS B 129 16.34 -25.17 -31.80
N ASP B 130 16.66 -26.41 -31.47
CA ASP B 130 16.35 -27.57 -32.31
C ASP B 130 16.00 -28.75 -31.40
N HIS B 131 15.66 -29.89 -32.02
CA HIS B 131 15.31 -31.09 -31.24
C HIS B 131 16.49 -31.62 -30.44
N ASP B 132 17.70 -31.59 -31.00
CA ASP B 132 18.84 -32.15 -30.28
C ASP B 132 19.06 -31.37 -28.99
N GLU B 133 19.03 -30.04 -29.09
CA GLU B 133 19.18 -29.20 -27.92
C GLU B 133 18.08 -29.47 -26.91
N ALA B 134 16.84 -29.56 -27.38
CA ALA B 134 15.72 -29.86 -26.50
C ALA B 134 15.93 -31.17 -25.77
N ILE B 135 16.25 -32.23 -26.52
CA ILE B 135 16.43 -33.55 -25.92
C ILE B 135 17.57 -33.54 -24.90
N LYS B 136 18.68 -32.88 -25.25
CA LYS B 136 19.80 -32.81 -24.31
C LYS B 136 19.39 -32.14 -23.00
N GLY B 137 18.70 -31.00 -23.10
CA GLY B 137 18.21 -30.33 -21.91
C GLY B 137 17.29 -31.19 -21.06
N LEU B 138 16.35 -31.89 -21.70
CA LEU B 138 15.38 -32.69 -20.95
C LEU B 138 16.06 -33.84 -20.22
N ARG B 139 17.08 -34.44 -20.84
CA ARG B 139 17.82 -35.49 -20.15
C ARG B 139 18.56 -34.94 -18.95
N ALA B 140 19.08 -33.72 -19.05
CA ALA B 140 19.69 -33.08 -17.89
C ALA B 140 18.67 -32.97 -16.76
N VAL B 141 17.48 -32.42 -17.07
CA VAL B 141 16.39 -32.35 -16.11
C VAL B 141 16.10 -33.73 -15.54
N ALA B 142 15.84 -34.70 -16.40
CA ALA B 142 15.54 -36.03 -15.93
C ALA B 142 16.64 -36.55 -15.01
N ALA B 143 17.90 -36.20 -15.27
CA ALA B 143 19.00 -36.72 -14.49
C ALA B 143 19.39 -35.82 -13.34
N GLY B 144 18.71 -34.69 -13.15
CA GLY B 144 19.12 -33.80 -12.09
C GLY B 144 20.49 -33.20 -12.26
N LYS B 145 20.97 -33.06 -13.49
CA LYS B 145 22.24 -32.43 -13.77
C LYS B 145 21.99 -31.03 -14.31
N GLN B 146 22.88 -30.10 -13.98
CA GLN B 146 22.71 -28.76 -14.53
C GLN B 146 23.17 -28.72 -15.99
N ALA B 147 22.65 -27.74 -16.73
CA ALA B 147 22.94 -27.59 -18.15
C ALA B 147 22.75 -26.13 -18.48
N PRO B 148 23.48 -25.61 -19.48
CA PRO B 148 23.44 -24.15 -19.71
C PRO B 148 22.03 -23.65 -19.97
N ASN B 149 21.28 -24.34 -20.82
CA ASN B 149 19.97 -23.92 -21.26
C ASN B 149 18.83 -24.47 -20.41
N VAL B 150 19.09 -24.83 -19.15
CA VAL B 150 18.10 -25.47 -18.32
C VAL B 150 17.98 -24.68 -17.03
N PHE B 151 16.75 -24.36 -16.65
CA PHE B 151 16.43 -23.85 -15.33
C PHE B 151 15.50 -24.85 -14.66
N SER B 152 15.72 -25.12 -13.38
CA SER B 152 14.95 -26.18 -12.71
C SER B 152 14.95 -25.93 -11.21
N VAL B 153 13.76 -25.98 -10.58
CA VAL B 153 13.64 -25.83 -9.15
C VAL B 153 12.69 -26.90 -8.62
N ASP B 154 12.84 -27.20 -7.32
CA ASP B 154 11.97 -28.18 -6.68
C ASP B 154 10.64 -27.57 -6.28
N GLY B 155 10.57 -26.26 -6.12
CA GLY B 155 9.35 -25.63 -5.70
C GLY B 155 9.44 -24.15 -5.89
N PRO B 156 8.34 -23.45 -5.66
CA PRO B 156 8.32 -22.01 -5.91
C PRO B 156 9.14 -21.23 -4.91
N VAL B 157 9.67 -20.12 -5.40
CA VAL B 157 10.17 -19.03 -4.57
C VAL B 157 8.96 -18.27 -4.06
N THR B 158 8.88 -18.06 -2.75
CA THR B 158 7.62 -17.63 -2.15
C THR B 158 7.54 -16.13 -1.85
N THR B 159 8.60 -15.34 -2.10
CA THR B 159 8.53 -13.88 -2.15
C THR B 159 8.78 -13.39 -3.57
N GLY B 160 8.09 -12.31 -3.97
CA GLY B 160 8.23 -11.76 -5.30
C GLY B 160 9.58 -11.13 -5.62
N PRO B 161 9.79 -10.85 -6.89
CA PRO B 161 11.10 -10.33 -7.32
C PRO B 161 11.24 -8.85 -7.00
N VAL B 162 12.48 -8.46 -6.74
CA VAL B 162 12.86 -7.05 -6.69
C VAL B 162 13.33 -6.67 -8.08
N TRP B 163 12.67 -5.68 -8.68
CA TRP B 163 13.12 -5.12 -9.95
C TRP B 163 14.22 -4.10 -9.69
N VAL B 164 15.35 -4.26 -10.37
CA VAL B 164 16.51 -3.38 -10.22
C VAL B 164 16.60 -2.47 -11.45
N LEU B 165 16.50 -1.17 -11.21
CA LEU B 165 16.57 -0.13 -12.23
C LEU B 165 17.86 0.67 -11.98
N ALA B 166 18.89 0.40 -12.79
CA ALA B 166 20.17 1.03 -12.58
C ALA B 166 20.56 1.81 -13.83
N GLY B 167 21.75 1.58 -14.38
CA GLY B 167 22.10 2.22 -15.63
C GLY B 167 23.54 2.67 -15.79
N PHE B 168 24.23 2.98 -14.68
CA PHE B 168 25.61 3.46 -14.79
C PHE B 168 26.44 2.42 -15.50
N GLY B 169 27.09 2.84 -16.58
CA GLY B 169 28.02 2.00 -17.31
C GLY B 169 27.37 0.93 -18.18
N ALA B 170 26.06 0.97 -18.37
CA ALA B 170 25.37 -0.11 -19.05
C ALA B 170 25.12 0.17 -20.53
N GLN B 171 25.36 1.39 -20.99
CA GLN B 171 24.97 1.75 -22.35
C GLN B 171 25.97 1.21 -23.35
N HIS B 172 25.49 0.98 -24.57
CA HIS B 172 26.35 0.67 -25.71
C HIS B 172 25.62 1.12 -26.96
N ARG B 173 26.37 1.21 -28.06
CA ARG B 173 25.93 2.00 -29.21
C ARG B 173 24.58 1.53 -29.74
N LYS B 174 24.40 0.22 -29.90
CA LYS B 174 23.21 -0.31 -30.55
C LYS B 174 22.17 -0.86 -29.57
N MET B 175 22.31 -0.56 -28.27
CA MET B 175 21.40 -1.12 -27.27
C MET B 175 19.94 -0.89 -27.66
N GLY B 176 19.15 -1.96 -27.55
CA GLY B 176 17.71 -1.86 -27.76
C GLY B 176 17.25 -1.77 -29.20
N LYS B 177 18.15 -1.64 -30.17
CA LYS B 177 17.73 -1.54 -31.57
C LYS B 177 17.11 -2.84 -32.05
N SER B 178 17.82 -3.96 -31.86
CA SER B 178 17.28 -5.25 -32.30
C SER B 178 15.91 -5.52 -31.67
N LEU B 179 15.77 -5.34 -30.36
CA LEU B 179 14.48 -5.63 -29.75
C LEU B 179 13.42 -4.67 -30.24
N TYR B 180 13.78 -3.41 -30.48
CA TYR B 180 12.79 -2.47 -31.03
C TYR B 180 12.32 -2.94 -32.40
N LEU B 181 13.25 -3.44 -33.21
CA LEU B 181 12.88 -3.83 -34.57
C LEU B 181 11.97 -5.06 -34.54
N ARG B 182 12.20 -5.97 -33.58
CA ARG B 182 11.62 -7.31 -33.61
C ARG B 182 10.50 -7.56 -32.60
N ASN B 183 10.13 -6.58 -31.78
CA ASN B 183 9.14 -6.81 -30.73
C ASN B 183 8.16 -5.67 -30.71
N GLU B 184 6.89 -5.96 -31.01
CA GLU B 184 5.92 -4.91 -31.19
C GLU B 184 5.57 -4.24 -29.87
N VAL B 185 5.51 -5.01 -28.79
CA VAL B 185 5.15 -4.44 -27.49
C VAL B 185 6.26 -3.52 -26.99
N PHE B 186 7.51 -4.00 -27.07
CA PHE B 186 8.65 -3.17 -26.72
C PHE B 186 8.68 -1.91 -27.56
N ALA B 187 8.58 -2.06 -28.90
CA ALA B 187 8.59 -0.91 -29.79
C ALA B 187 7.45 0.05 -29.47
N ALA B 188 6.27 -0.47 -29.16
CA ALA B 188 5.16 0.40 -28.79
C ALA B 188 5.56 1.32 -27.64
N TRP B 189 6.30 0.80 -26.68
CA TRP B 189 6.62 1.57 -25.48
C TRP B 189 7.83 2.47 -25.69
N ILE B 190 8.81 2.01 -26.47
CA ILE B 190 9.92 2.88 -26.84
C ILE B 190 9.39 4.14 -27.52
N GLU B 191 8.34 3.98 -28.33
CA GLU B 191 7.77 5.13 -29.02
C GLU B 191 6.96 6.02 -28.08
N LYS B 192 6.32 5.47 -27.07
CA LYS B 192 5.63 6.34 -26.13
C LYS B 192 6.59 7.27 -25.42
N VAL B 193 7.74 6.76 -25.03
CA VAL B 193 8.69 7.56 -24.28
C VAL B 193 9.40 8.50 -25.24
N ASP B 194 9.62 8.04 -26.47
CA ASP B 194 10.23 8.92 -27.47
C ASP B 194 9.38 10.16 -27.72
N ALA B 195 8.06 9.98 -27.84
CA ALA B 195 7.16 11.13 -27.93
C ALA B 195 7.30 12.04 -26.71
N LEU B 196 7.35 11.46 -25.50
CA LEU B 196 7.43 12.27 -24.30
C LEU B 196 8.75 13.03 -24.22
N VAL B 197 9.86 12.39 -24.59
CA VAL B 197 11.14 13.08 -24.51
C VAL B 197 11.24 14.12 -25.61
N GLN B 198 10.69 13.82 -26.81
CA GLN B 198 10.57 14.83 -27.86
C GLN B 198 9.84 16.06 -27.34
N ASP B 199 8.69 15.85 -26.72
CA ASP B 199 7.94 16.96 -26.14
C ASP B 199 8.73 17.69 -25.08
N GLU B 200 9.60 17.00 -24.35
CA GLU B 200 10.25 17.61 -23.20
C GLU B 200 11.60 18.23 -23.55
N LEU B 201 12.42 17.55 -24.33
CA LEU B 201 13.75 18.04 -24.67
C LEU B 201 13.91 18.38 -26.15
N GLY B 202 12.90 18.13 -26.96
CA GLY B 202 12.99 18.48 -28.37
C GLY B 202 13.95 17.66 -29.20
N TYR B 203 14.06 16.36 -28.95
CA TYR B 203 14.74 15.49 -29.89
C TYR B 203 14.21 14.07 -29.71
N SER B 204 14.64 13.19 -30.61
CA SER B 204 14.12 11.84 -30.70
C SER B 204 15.15 10.86 -30.15
N VAL B 205 14.80 10.23 -29.03
CA VAL B 205 15.61 9.11 -28.54
C VAL B 205 15.56 7.94 -29.54
N LEU B 206 14.43 7.76 -30.22
CA LEU B 206 14.32 6.65 -31.16
C LEU B 206 15.27 6.81 -32.34
N GLU B 207 15.63 8.06 -32.68
CA GLU B 207 16.61 8.30 -33.74
C GLU B 207 17.99 7.83 -33.31
N LEU B 208 18.36 8.07 -32.05
CA LEU B 208 19.64 7.58 -31.55
C LEU B 208 19.69 6.06 -31.57
N ILE B 209 18.57 5.41 -31.21
CA ILE B 209 18.56 3.94 -31.14
C ILE B 209 18.76 3.35 -32.52
N LEU B 210 18.16 3.97 -33.54
CA LEU B 210 18.15 3.39 -34.87
C LEU B 210 19.43 3.69 -35.63
N ASP B 211 20.08 4.81 -35.32
CA ASP B 211 21.19 5.33 -36.13
C ASP B 211 22.50 4.79 -35.58
N ASP B 212 23.08 3.79 -36.25
CA ASP B 212 24.35 3.26 -35.76
C ASP B 212 25.48 4.27 -35.81
N ALA B 213 25.30 5.40 -36.51
CA ALA B 213 26.37 6.37 -36.61
C ALA B 213 26.53 7.19 -35.34
N GLN B 214 25.52 7.22 -34.48
CA GLN B 214 25.54 8.01 -33.28
C GLN B 214 25.83 7.15 -32.06
N ASP B 215 26.55 7.72 -31.10
CA ASP B 215 26.72 7.13 -29.79
C ASP B 215 26.18 8.08 -28.74
N TYR B 216 26.32 7.72 -27.47
CA TYR B 216 25.59 8.38 -26.40
C TYR B 216 26.50 9.24 -25.55
N GLY B 217 25.95 10.33 -25.03
CA GLY B 217 26.68 11.23 -24.18
C GLY B 217 26.09 11.34 -22.78
N ILE B 218 26.52 12.35 -22.02
CA ILE B 218 26.10 12.45 -20.64
C ILE B 218 24.58 12.55 -20.54
N GLU B 219 23.97 13.28 -21.46
CA GLU B 219 22.52 13.44 -21.39
C GLU B 219 21.79 12.31 -22.11
N THR B 220 22.20 11.96 -23.34
CA THR B 220 21.41 11.03 -24.14
C THR B 220 21.51 9.61 -23.59
N THR B 221 22.61 9.27 -22.92
CA THR B 221 22.70 7.99 -22.21
C THR B 221 21.54 7.83 -21.26
N GLN B 222 21.28 8.85 -20.45
CA GLN B 222 20.35 8.68 -19.33
C GLN B 222 18.91 8.57 -19.83
N VAL B 223 18.50 9.42 -20.78
CA VAL B 223 17.12 9.35 -21.25
C VAL B 223 16.92 8.09 -22.09
N THR B 224 17.93 7.67 -22.86
CA THR B 224 17.76 6.47 -23.67
C THR B 224 17.66 5.22 -22.80
N ILE B 225 18.58 5.07 -21.84
CA ILE B 225 18.49 3.95 -20.91
C ILE B 225 17.14 3.94 -20.18
N PHE B 226 16.70 5.12 -19.72
CA PHE B 226 15.36 5.25 -19.15
C PHE B 226 14.33 4.66 -20.11
N ALA B 227 14.34 5.14 -21.35
CA ALA B 227 13.38 4.64 -22.34
C ALA B 227 13.39 3.12 -22.41
N ILE B 228 14.59 2.54 -22.51
CA ILE B 228 14.73 1.10 -22.62
C ILE B 228 14.24 0.42 -21.33
N GLN B 229 14.37 1.09 -20.18
CA GLN B 229 13.92 0.50 -18.91
C GLN B 229 12.39 0.46 -18.83
N ILE B 230 11.74 1.58 -19.17
CA ILE B 230 10.28 1.63 -19.23
C ILE B 230 9.75 0.53 -20.15
N ALA B 231 10.33 0.44 -21.36
CA ALA B 231 9.81 -0.49 -22.35
C ALA B 231 10.08 -1.93 -21.95
N LEU B 232 11.22 -2.20 -21.31
CA LEU B 232 11.46 -3.56 -20.84
C LEU B 232 10.44 -3.95 -19.78
N GLY B 233 10.17 -3.07 -18.83
CA GLY B 233 9.27 -3.43 -17.75
C GLY B 233 7.83 -3.58 -18.24
N GLU B 234 7.42 -2.74 -19.18
CA GLU B 234 6.06 -2.87 -19.66
C GLU B 234 5.90 -4.09 -20.56
N LEU B 235 6.95 -4.47 -21.28
CA LEU B 235 6.96 -5.77 -21.95
C LEU B 235 6.72 -6.89 -20.96
N LEU B 236 7.51 -6.91 -19.88
CA LEU B 236 7.31 -7.94 -18.88
C LEU B 236 5.92 -7.85 -18.27
N ARG B 237 5.45 -6.63 -17.99
CA ARG B 237 4.11 -6.48 -17.44
C ARG B 237 3.09 -7.06 -18.42
N HIS B 238 3.33 -6.87 -19.72
CA HIS B 238 2.45 -7.37 -20.78
C HIS B 238 2.33 -8.89 -20.73
N HIS B 239 3.35 -9.59 -20.28
CA HIS B 239 3.31 -11.05 -20.24
C HIS B 239 2.93 -11.59 -18.86
N GLY B 240 2.38 -10.74 -17.99
CA GLY B 240 1.86 -11.16 -16.70
C GLY B 240 2.73 -10.79 -15.51
N ALA B 241 3.92 -10.25 -15.72
CA ALA B 241 4.84 -10.04 -14.60
C ALA B 241 4.53 -8.73 -13.88
N LYS B 242 4.99 -8.68 -12.61
CA LYS B 242 4.83 -7.57 -11.67
C LYS B 242 6.03 -7.57 -10.74
N PRO B 243 6.55 -6.41 -10.34
CA PRO B 243 7.54 -6.40 -9.26
C PRO B 243 6.85 -6.49 -7.92
N ALA B 244 7.44 -7.27 -7.00
CA ALA B 244 7.00 -7.14 -5.62
C ALA B 244 7.58 -5.88 -4.97
N ALA B 245 8.80 -5.51 -5.35
CA ALA B 245 9.44 -4.30 -4.87
C ALA B 245 10.37 -3.84 -5.97
N VAL B 246 10.78 -2.57 -5.88
CA VAL B 246 11.76 -2.00 -6.78
C VAL B 246 12.94 -1.48 -5.99
N ILE B 247 14.06 -1.36 -6.68
CA ILE B 247 15.24 -0.67 -6.18
C ILE B 247 15.86 0.08 -7.35
N GLY B 248 16.21 1.34 -7.13
CA GLY B 248 16.87 2.10 -8.17
C GLY B 248 18.31 2.39 -7.84
N GLN B 249 19.10 2.74 -8.86
CA GLN B 249 20.48 3.16 -8.64
C GLN B 249 20.80 4.36 -9.53
N SER B 250 20.92 5.53 -8.97
CA SER B 250 21.17 6.78 -9.71
C SER B 250 20.22 7.09 -10.88
N LEU B 251 20.67 6.96 -12.12
CA LEU B 251 19.83 7.29 -13.26
C LEU B 251 18.57 6.46 -13.30
N GLY B 252 18.65 5.22 -12.84
CA GLY B 252 17.50 4.36 -12.80
C GLY B 252 16.45 4.76 -11.82
N GLU B 253 16.73 5.78 -11.02
CA GLU B 253 15.77 6.12 -9.97
C GLU B 253 14.42 6.55 -10.55
N ALA B 254 14.44 7.25 -11.69
CA ALA B 254 13.19 7.72 -12.29
C ALA B 254 12.31 6.55 -12.76
N ALA B 255 12.89 5.59 -13.49
CA ALA B 255 12.13 4.41 -13.88
C ALA B 255 11.61 3.67 -12.67
N SER B 256 12.45 3.52 -11.64
CA SER B 256 12.02 2.82 -10.44
C SER B 256 10.79 3.48 -9.83
N ALA B 257 10.74 4.82 -9.87
CA ALA B 257 9.57 5.51 -9.36
C ALA B 257 8.34 5.21 -10.20
N TYR B 258 8.53 4.98 -11.49
CA TYR B 258 7.40 4.67 -12.33
C TYR B 258 6.85 3.29 -11.99
N PHE B 259 7.71 2.26 -12.03
CA PHE B 259 7.22 0.90 -11.78
C PHE B 259 6.76 0.70 -10.35
N ALA B 260 7.12 1.59 -9.45
CA ALA B 260 6.58 1.53 -8.09
C ALA B 260 5.28 2.31 -7.94
N GLY B 261 4.76 2.87 -9.04
CA GLY B 261 3.56 3.69 -8.98
C GLY B 261 3.71 5.00 -8.26
N GLY B 262 4.92 5.55 -8.18
CA GLY B 262 5.14 6.77 -7.44
C GLY B 262 5.00 8.02 -8.29
N LEU B 263 5.09 7.86 -9.60
CA LEU B 263 4.97 8.96 -10.55
C LEU B 263 4.32 8.44 -11.81
N SER B 264 3.51 9.26 -12.45
CA SER B 264 3.03 8.89 -13.78
C SER B 264 4.22 8.77 -14.73
N LEU B 265 3.97 8.14 -15.89
CA LEU B 265 5.01 8.09 -16.91
C LEU B 265 5.42 9.50 -17.32
N ARG B 266 4.45 10.40 -17.46
CA ARG B 266 4.78 11.79 -17.77
C ARG B 266 5.76 12.35 -16.75
N ASP B 267 5.48 12.16 -15.47
CA ASP B 267 6.29 12.81 -14.45
C ASP B 267 7.63 12.12 -14.25
N ALA B 268 7.66 10.79 -14.33
CA ALA B 268 8.94 10.08 -14.34
C ALA B 268 9.83 10.57 -15.48
N THR B 269 9.25 10.80 -16.66
CA THR B 269 10.06 11.35 -17.76
C THR B 269 10.52 12.76 -17.46
N ARG B 270 9.72 13.54 -16.72
CA ARG B 270 10.18 14.86 -16.32
C ARG B 270 11.41 14.74 -15.45
N ALA B 271 11.41 13.77 -14.53
CA ALA B 271 12.53 13.63 -13.60
C ALA B 271 13.80 13.20 -14.32
N ILE B 272 13.71 12.28 -15.28
CA ILE B 272 14.95 11.91 -15.95
C ILE B 272 15.39 12.99 -16.93
N CYS B 273 14.47 13.74 -17.53
CA CYS B 273 14.87 14.73 -18.52
C CYS B 273 15.54 15.94 -17.87
N SER B 274 14.99 16.41 -16.75
CA SER B 274 15.60 17.56 -16.10
C SER B 274 16.95 17.18 -15.52
N ARG B 275 17.03 16.07 -14.80
CA ARG B 275 18.30 15.64 -14.25
C ARG B 275 19.32 15.49 -15.33
N SER B 276 18.94 14.90 -16.45
CA SER B 276 19.90 14.62 -17.49
C SER B 276 20.38 15.85 -18.24
N HIS B 277 19.44 16.70 -18.63
CA HIS B 277 19.76 17.90 -19.40
CA HIS B 277 19.86 17.84 -19.42
C HIS B 277 20.55 18.90 -18.56
N LEU B 278 20.17 19.06 -17.29
CA LEU B 278 20.90 19.97 -16.42
C LEU B 278 22.33 19.46 -16.18
N MET B 279 22.50 18.16 -16.05
CA MET B 279 23.85 17.62 -15.92
C MET B 279 24.65 17.90 -17.19
N GLY B 280 24.07 17.58 -18.35
CA GLY B 280 24.74 17.89 -19.60
C GLY B 280 25.14 19.35 -19.72
N GLU B 281 24.27 20.26 -19.25
CA GLU B 281 24.58 21.68 -19.41
C GLU B 281 25.68 22.13 -18.47
N GLY B 282 25.58 21.75 -17.19
CA GLY B 282 26.54 22.14 -16.18
C GLY B 282 27.99 21.90 -16.56
N GLU B 283 28.22 20.96 -17.49
CA GLU B 283 29.56 20.63 -17.95
C GLU B 283 30.20 21.74 -18.79
N ALA B 284 29.40 22.62 -19.39
CA ALA B 284 29.94 23.81 -20.06
C ALA B 284 30.71 24.72 -19.12
N MET B 285 30.50 24.58 -17.81
CA MET B 285 31.28 25.29 -16.81
C MET B 285 32.58 24.58 -16.42
N LEU B 286 32.85 23.39 -16.99
CA LEU B 286 33.85 22.48 -16.44
C LEU B 286 35.01 22.30 -17.40
N PHE B 287 36.19 22.54 -16.87
CA PHE B 287 37.42 22.45 -17.62
C PHE B 287 38.48 22.33 -16.58
N GLY B 288 39.68 21.99 -16.98
CA GLY B 288 40.79 21.92 -16.07
C GLY B 288 40.67 21.24 -14.75
N GLU B 289 40.93 21.97 -13.69
CA GLU B 289 40.90 21.41 -12.34
C GLU B 289 39.53 20.90 -11.99
N TYR B 290 38.51 21.47 -12.61
CA TYR B 290 37.14 21.11 -12.28
C TYR B 290 36.72 19.74 -12.81
N ILE B 291 37.41 19.20 -13.81
CA ILE B 291 36.99 17.94 -14.42
C ILE B 291 37.04 16.82 -13.39
N ARG B 292 35.98 16.02 -13.34
CA ARG B 292 35.90 14.82 -12.52
C ARG B 292 35.41 13.68 -13.39
N LEU B 293 36.17 12.59 -13.42
CA LEU B 293 35.71 11.36 -14.03
C LEU B 293 34.91 10.55 -13.02
N MET B 294 34.13 9.61 -13.54
CA MET B 294 33.48 8.59 -12.73
C MET B 294 33.96 7.22 -13.16
N ALA B 295 33.94 6.29 -12.22
CA ALA B 295 34.44 4.95 -12.50
C ALA B 295 33.80 3.96 -11.55
N LEU B 296 33.51 2.77 -12.05
CA LEU B 296 33.18 1.61 -11.24
C LEU B 296 34.46 0.82 -10.99
N VAL B 297 34.83 0.63 -9.72
CA VAL B 297 36.05 -0.09 -9.39
C VAL B 297 35.75 -1.09 -8.28
N GLU B 298 36.46 -2.22 -8.31
CA GLU B 298 36.26 -3.28 -7.32
C GLU B 298 37.10 -3.03 -6.08
N TYR B 299 36.72 -1.97 -5.36
CA TYR B 299 37.29 -1.60 -4.07
C TYR B 299 36.17 -1.16 -3.16
N SER B 300 36.29 -1.48 -1.87
CA SER B 300 35.34 -1.03 -0.87
C SER B 300 35.41 0.48 -0.73
N ALA B 301 34.36 1.05 -0.12
CA ALA B 301 34.45 2.47 0.21
C ALA B 301 35.62 2.70 1.14
N ASP B 302 35.83 1.79 2.10
CA ASP B 302 36.94 1.93 3.04
C ASP B 302 38.29 1.90 2.33
N GLU B 303 38.48 1.00 1.38
CA GLU B 303 39.72 0.99 0.63
C GLU B 303 39.91 2.31 -0.13
N ILE B 304 38.83 2.83 -0.73
CA ILE B 304 38.93 4.08 -1.48
C ILE B 304 39.33 5.21 -0.53
N ARG B 305 38.60 5.35 0.58
CA ARG B 305 38.81 6.48 1.48
C ARG B 305 40.13 6.38 2.24
N GLU B 306 40.52 5.18 2.67
CA GLU B 306 41.70 5.06 3.52
C GLU B 306 42.88 4.38 2.84
N VAL B 307 42.69 3.24 2.20
CA VAL B 307 43.81 2.61 1.50
C VAL B 307 44.34 3.50 0.35
N PHE B 308 43.54 4.45 -0.12
CA PHE B 308 43.94 5.31 -1.24
C PHE B 308 43.89 6.78 -0.87
N SER B 309 44.04 7.11 0.42
CA SER B 309 43.99 8.50 0.85
C SER B 309 45.09 9.35 0.24
N ASP B 310 46.13 8.74 -0.33
CA ASP B 310 47.08 9.47 -1.15
C ASP B 310 46.39 10.19 -2.29
N PHE B 311 45.23 9.72 -2.71
CA PHE B 311 44.40 10.41 -3.70
C PHE B 311 43.21 11.00 -2.97
N PRO B 312 43.32 12.22 -2.46
CA PRO B 312 42.32 12.73 -1.52
C PRO B 312 41.06 13.28 -2.17
N ASP B 313 41.02 13.39 -3.49
CA ASP B 313 39.85 13.93 -4.15
C ASP B 313 39.00 12.86 -4.81
N LEU B 314 39.18 11.60 -4.43
CA LEU B 314 38.24 10.57 -4.79
C LEU B 314 37.01 10.73 -3.91
N GLU B 315 35.83 10.56 -4.50
CA GLU B 315 34.58 10.62 -3.75
C GLU B 315 33.77 9.37 -4.03
N VAL B 316 33.04 8.90 -3.03
CA VAL B 316 32.18 7.73 -3.17
C VAL B 316 30.83 8.20 -3.68
N CYS B 317 30.49 7.84 -4.92
CA CYS B 317 29.21 8.23 -5.48
C CYS B 317 28.13 7.18 -5.24
N VAL B 318 28.46 5.90 -5.43
CA VAL B 318 27.54 4.79 -5.22
C VAL B 318 28.26 3.72 -4.40
N TYR B 319 27.66 3.35 -3.27
CA TYR B 319 28.05 2.12 -2.57
C TYR B 319 27.40 1.00 -3.34
N ALA B 320 28.12 0.46 -4.32
CA ALA B 320 27.50 -0.48 -5.24
C ALA B 320 27.41 -1.88 -4.64
N ALA B 321 28.46 -2.33 -3.98
CA ALA B 321 28.54 -3.67 -3.39
C ALA B 321 29.45 -3.56 -2.18
N PRO B 322 29.68 -4.63 -1.41
CA PRO B 322 30.70 -4.54 -0.36
C PRO B 322 32.07 -4.28 -0.93
N THR B 323 32.39 -4.85 -2.07
CA THR B 323 33.70 -4.62 -2.66
C THR B 323 33.61 -3.95 -4.04
N GLN B 324 32.59 -3.13 -4.28
CA GLN B 324 32.51 -2.39 -5.53
C GLN B 324 31.95 -1.01 -5.27
N THR B 325 32.62 0.02 -5.82
CA THR B 325 32.23 1.39 -5.58
C THR B 325 32.23 2.16 -6.89
N VAL B 326 31.27 3.06 -7.04
CA VAL B 326 31.31 4.08 -8.08
C VAL B 326 31.93 5.33 -7.49
N ILE B 327 33.09 5.72 -8.01
CA ILE B 327 33.84 6.84 -7.47
C ILE B 327 33.84 7.97 -8.48
N GLY B 328 33.97 9.19 -7.96
CA GLY B 328 34.31 10.34 -8.77
C GLY B 328 35.69 10.84 -8.37
N GLY B 329 36.39 11.46 -9.33
CA GLY B 329 37.67 12.01 -9.02
C GLY B 329 38.32 12.72 -10.19
N PRO B 330 39.33 13.54 -9.89
CA PRO B 330 40.12 14.14 -10.95
C PRO B 330 40.77 13.05 -11.79
N PRO B 331 40.94 13.30 -13.08
CA PRO B 331 41.34 12.20 -13.99
C PRO B 331 42.64 11.51 -13.61
N GLU B 332 43.62 12.23 -13.08
CA GLU B 332 44.85 11.55 -12.73
C GLU B 332 44.62 10.58 -11.58
N GLN B 333 43.89 11.01 -10.54
CA GLN B 333 43.61 10.13 -9.41
C GLN B 333 42.74 8.95 -9.83
N VAL B 334 41.68 9.21 -10.60
CA VAL B 334 40.84 8.10 -11.07
C VAL B 334 41.65 7.16 -11.94
N ASP B 335 42.48 7.71 -12.82
CA ASP B 335 43.35 6.86 -13.64
C ASP B 335 44.34 6.10 -12.78
N ALA B 336 44.77 6.68 -11.66
CA ALA B 336 45.63 5.95 -10.73
C ALA B 336 44.92 4.76 -10.11
N ILE B 337 43.61 4.88 -9.86
CA ILE B 337 42.88 3.75 -9.28
C ILE B 337 42.73 2.65 -10.31
N LEU B 338 42.31 2.99 -11.53
CA LEU B 338 42.19 1.99 -12.57
C LEU B 338 43.52 1.28 -12.83
N ALA B 339 44.63 1.94 -12.52
CA ALA B 339 45.95 1.32 -12.61
C ALA B 339 46.01 0.10 -11.70
N ARG B 340 46.12 0.32 -10.39
CA ARG B 340 46.17 -0.79 -9.44
C ARG B 340 45.10 -1.82 -9.74
N ALA B 341 43.85 -1.37 -9.88
CA ALA B 341 42.72 -2.30 -10.05
C ALA B 341 42.93 -3.21 -11.25
N GLU B 342 43.69 -2.76 -12.26
CA GLU B 342 44.10 -3.67 -13.31
C GLU B 342 45.22 -4.58 -12.82
N ALA B 343 46.22 -4.00 -12.16
CA ALA B 343 47.35 -4.75 -11.62
C ALA B 343 46.94 -5.62 -10.43
N GLU B 344 45.63 -5.88 -10.29
CA GLU B 344 45.14 -6.83 -9.31
C GLU B 344 43.99 -7.64 -9.89
N GLY B 345 43.74 -7.54 -11.20
CA GLY B 345 42.67 -8.31 -11.82
C GLY B 345 41.27 -7.96 -11.35
N LYS B 346 41.07 -6.75 -10.84
CA LYS B 346 39.78 -6.34 -10.33
C LYS B 346 39.02 -5.57 -11.40
N PHE B 347 37.69 -5.66 -11.35
CA PHE B 347 36.84 -4.86 -12.22
C PHE B 347 37.18 -3.38 -12.06
N ALA B 348 37.21 -2.66 -13.19
CA ALA B 348 37.45 -1.23 -13.21
C ALA B 348 37.13 -0.70 -14.60
N ARG B 349 36.09 0.11 -14.72
CA ARG B 349 35.80 0.76 -15.98
C ARG B 349 35.39 2.20 -15.72
N LYS B 350 35.52 3.02 -16.77
CA LYS B 350 35.44 4.48 -16.73
C LYS B 350 34.24 4.97 -17.53
N PHE B 351 33.54 5.99 -17.02
CA PHE B 351 32.61 6.77 -17.83
C PHE B 351 33.18 8.19 -17.99
N ALA B 352 32.97 8.79 -19.16
CA ALA B 352 33.65 10.02 -19.53
C ALA B 352 32.89 11.27 -19.11
N THR B 353 32.62 11.39 -17.81
CA THR B 353 31.93 12.60 -17.40
C THR B 353 32.93 13.76 -17.25
N LYS B 354 32.38 14.94 -16.99
CA LYS B 354 33.15 16.08 -16.51
C LYS B 354 32.68 16.54 -15.14
N GLY B 355 31.40 16.39 -14.84
CA GLY B 355 30.85 16.58 -13.52
C GLY B 355 30.29 15.26 -13.01
N ALA B 356 30.65 14.89 -11.79
CA ALA B 356 30.23 13.62 -11.20
C ALA B 356 28.95 13.84 -10.38
N SER B 357 27.92 13.06 -10.70
CA SER B 357 26.71 13.12 -9.90
C SER B 357 27.01 12.61 -8.51
N HIS B 358 26.09 12.90 -7.58
CA HIS B 358 26.23 12.54 -6.17
C HIS B 358 27.44 13.20 -5.52
N THR B 359 27.85 14.34 -6.06
CA THR B 359 28.91 15.16 -5.47
C THR B 359 28.49 16.61 -5.48
N SER B 360 29.30 17.48 -4.86
CA SER B 360 28.99 18.90 -4.77
C SER B 360 28.99 19.59 -6.13
N GLN B 361 29.49 18.95 -7.19
CA GLN B 361 29.30 19.54 -8.51
C GLN B 361 27.82 19.62 -8.89
N MET B 362 26.95 18.90 -8.21
CA MET B 362 25.54 19.09 -8.54
C MET B 362 24.93 20.31 -7.88
N ASP B 363 25.60 20.92 -6.88
CA ASP B 363 25.04 22.11 -6.23
C ASP B 363 24.60 23.18 -7.22
N PRO B 364 25.40 23.60 -8.20
CA PRO B 364 24.93 24.66 -9.11
C PRO B 364 23.67 24.29 -9.87
N LEU B 365 23.28 23.02 -9.89
CA LEU B 365 22.16 22.53 -10.67
C LEU B 365 20.84 22.46 -9.89
N LEU B 366 20.88 22.47 -8.56
CA LEU B 366 19.68 22.17 -7.80
C LEU B 366 18.60 23.24 -7.97
N GLY B 367 18.99 24.51 -8.02
CA GLY B 367 17.99 25.56 -8.14
C GLY B 367 17.14 25.38 -9.39
N GLU B 368 17.80 25.17 -10.52
CA GLU B 368 17.07 25.02 -11.77
C GLU B 368 16.26 23.72 -11.80
N LEU B 369 16.81 22.63 -11.27
CA LEU B 369 16.07 21.37 -11.20
C LEU B 369 14.81 21.52 -10.36
N THR B 370 14.91 22.27 -9.25
CA THR B 370 13.74 22.56 -8.44
C THR B 370 12.67 23.27 -9.26
N ALA B 371 13.07 24.30 -10.01
CA ALA B 371 12.10 25.01 -10.83
C ALA B 371 11.52 24.07 -11.88
N GLU B 372 12.36 23.30 -12.56
CA GLU B 372 11.88 22.49 -13.67
C GLU B 372 10.95 21.37 -13.23
N LEU B 373 10.99 20.95 -11.97
CA LEU B 373 10.19 19.82 -11.53
C LEU B 373 8.89 20.23 -10.86
N GLN B 374 8.66 21.51 -10.65
CA GLN B 374 7.42 21.94 -10.03
C GLN B 374 6.23 21.38 -10.79
N GLY B 375 5.23 20.92 -10.06
CA GLY B 375 4.04 20.39 -10.69
C GLY B 375 4.04 18.91 -10.96
N ILE B 376 5.04 18.20 -10.46
CA ILE B 376 5.04 16.75 -10.57
C ILE B 376 4.02 16.27 -9.55
N LYS B 377 3.37 15.13 -9.81
CA LYS B 377 2.31 14.63 -8.93
C LYS B 377 2.74 13.34 -8.15
N PRO B 378 3.52 13.44 -7.05
CA PRO B 378 4.01 12.22 -6.40
C PRO B 378 2.87 11.45 -5.75
N THR B 379 2.80 10.16 -6.06
CA THR B 379 1.67 9.31 -5.70
C THR B 379 2.10 8.16 -4.81
N SER B 380 1.14 7.63 -4.07
CA SER B 380 1.43 6.56 -3.12
C SER B 380 1.92 5.31 -3.84
N PRO B 381 3.05 4.74 -3.42
CA PRO B 381 3.61 3.60 -4.16
C PRO B 381 2.70 2.38 -4.11
N THR B 382 2.67 1.65 -5.22
CA THR B 382 1.86 0.44 -5.35
C THR B 382 2.62 -0.83 -5.07
N CYS B 383 3.94 -0.79 -4.98
CA CYS B 383 4.73 -1.91 -4.49
C CYS B 383 5.82 -1.37 -3.59
N GLY B 384 6.54 -2.28 -2.93
CA GLY B 384 7.60 -1.85 -2.04
C GLY B 384 8.72 -1.15 -2.77
N ILE B 385 9.40 -0.25 -2.07
CA ILE B 385 10.56 0.48 -2.57
C ILE B 385 11.69 0.34 -1.57
N PHE B 386 12.85 -0.12 -2.04
CA PHE B 386 14.10 0.01 -1.31
C PHE B 386 14.76 1.27 -1.85
N SER B 387 14.53 2.39 -1.18
CA SER B 387 14.98 3.69 -1.68
C SER B 387 16.44 3.92 -1.33
N THR B 388 17.31 3.81 -2.33
CA THR B 388 18.73 4.09 -2.17
C THR B 388 19.04 5.58 -2.08
N VAL B 389 18.05 6.43 -2.31
CA VAL B 389 18.15 7.84 -1.93
C VAL B 389 18.06 7.99 -0.40
N HIS B 390 17.03 7.42 0.20
CA HIS B 390 16.86 7.47 1.66
C HIS B 390 17.61 6.36 2.37
N GLU B 391 18.90 6.23 2.06
CA GLU B 391 19.85 5.40 2.78
C GLU B 391 19.57 3.91 2.63
N GLY B 392 18.78 3.52 1.64
CA GLY B 392 18.50 2.12 1.38
C GLY B 392 17.36 1.56 2.17
N ARG B 393 16.58 2.40 2.83
CA ARG B 393 15.56 1.91 3.73
C ARG B 393 14.31 1.51 2.93
N TYR B 394 13.53 0.60 3.52
CA TYR B 394 12.36 0.06 2.83
C TYR B 394 11.16 0.96 3.01
N ILE B 395 10.30 0.98 2.00
CA ILE B 395 9.12 1.84 1.99
C ILE B 395 7.95 0.96 1.58
N LYS B 396 7.05 0.68 2.52
CA LYS B 396 5.91 -0.21 2.27
C LYS B 396 4.97 0.42 1.25
N PRO B 397 4.24 -0.40 0.48
CA PRO B 397 3.24 0.16 -0.45
C PRO B 397 2.17 0.95 0.31
N GLY B 398 1.47 1.79 -0.44
CA GLY B 398 0.34 2.51 0.11
C GLY B 398 0.68 3.59 1.12
N GLY B 399 1.94 3.74 1.52
CA GLY B 399 2.29 4.83 2.41
C GLY B 399 2.23 6.18 1.72
N GLU B 400 2.82 7.17 2.39
CA GLU B 400 2.83 8.54 1.87
C GLU B 400 3.72 8.60 0.63
N PRO B 401 3.39 9.46 -0.32
CA PRO B 401 4.26 9.64 -1.49
C PRO B 401 5.64 10.10 -1.07
N ILE B 402 6.66 9.60 -1.76
CA ILE B 402 8.03 9.98 -1.45
C ILE B 402 8.71 10.71 -2.60
N HIS B 403 8.18 10.65 -3.81
CA HIS B 403 8.91 11.14 -4.97
C HIS B 403 8.72 12.63 -5.19
N ASP B 404 8.84 13.38 -4.08
CA ASP B 404 8.91 14.83 -3.93
CA ASP B 404 8.66 14.83 -4.21
C ASP B 404 9.88 15.47 -4.90
N VAL B 405 9.73 16.77 -5.15
CA VAL B 405 10.80 17.53 -5.80
C VAL B 405 12.10 17.39 -5.00
N GLU B 406 12.00 17.55 -3.68
CA GLU B 406 13.18 17.35 -2.84
C GLU B 406 13.72 15.94 -2.93
N TYR B 407 12.89 14.95 -3.25
CA TYR B 407 13.43 13.61 -3.39
C TYR B 407 14.42 13.54 -4.53
N TRP B 408 14.12 14.22 -5.65
CA TRP B 408 14.98 14.17 -6.81
C TRP B 408 16.23 15.05 -6.66
N LYS B 409 16.16 16.13 -5.89
CA LYS B 409 17.36 16.89 -5.56
C LYS B 409 18.29 16.07 -4.68
N LYS B 410 17.74 15.41 -3.65
CA LYS B 410 18.57 14.60 -2.77
C LYS B 410 19.19 13.44 -3.53
N GLY B 411 18.43 12.80 -4.43
CA GLY B 411 18.96 11.68 -5.18
C GLY B 411 20.10 12.08 -6.07
N LEU B 412 20.02 13.26 -6.69
CA LEU B 412 21.08 13.72 -7.59
C LEU B 412 22.32 14.17 -6.80
N ARG B 413 22.11 14.88 -5.70
CA ARG B 413 23.20 15.46 -4.93
C ARG B 413 23.92 14.44 -4.05
N HIS B 414 23.19 13.54 -3.40
CA HIS B 414 23.81 12.72 -2.37
C HIS B 414 24.07 11.31 -2.86
N SER B 415 24.68 10.51 -1.99
CA SER B 415 25.18 9.20 -2.40
C SER B 415 24.05 8.18 -2.53
N VAL B 416 24.36 7.13 -3.29
CA VAL B 416 23.44 6.06 -3.62
C VAL B 416 23.78 4.88 -2.72
N TYR B 417 22.87 4.56 -1.80
CA TYR B 417 23.07 3.45 -0.86
C TYR B 417 22.46 2.18 -1.47
N PHE B 418 23.13 1.71 -2.53
CA PHE B 418 22.60 0.59 -3.29
C PHE B 418 22.84 -0.73 -2.55
N THR B 419 24.08 -0.96 -2.13
CA THR B 419 24.38 -2.20 -1.45
C THR B 419 23.58 -2.31 -0.15
N HIS B 420 23.27 -1.18 0.47
CA HIS B 420 22.43 -1.17 1.66
C HIS B 420 21.02 -1.66 1.35
N GLY B 421 20.44 -1.19 0.25
CA GLY B 421 19.06 -1.56 -0.06
C GLY B 421 18.94 -3.01 -0.49
N ILE B 422 19.94 -3.51 -1.21
CA ILE B 422 19.96 -4.94 -1.50
C ILE B 422 20.05 -5.73 -0.21
N ARG B 423 20.90 -5.29 0.73
CA ARG B 423 20.98 -5.96 2.01
C ARG B 423 19.63 -5.95 2.73
N ASN B 424 18.95 -4.80 2.74
CA ASN B 424 17.61 -4.77 3.32
C ASN B 424 16.67 -5.70 2.59
N ALA B 425 16.81 -5.78 1.27
CA ALA B 425 15.94 -6.67 0.50
C ALA B 425 16.17 -8.11 0.93
N VAL B 426 17.43 -8.55 0.91
CA VAL B 426 17.76 -9.91 1.32
C VAL B 426 17.28 -10.17 2.75
N ASP B 427 17.49 -9.19 3.64
CA ASP B 427 17.10 -9.39 5.04
C ASP B 427 15.60 -9.42 5.23
N SER B 428 14.80 -9.11 4.22
CA SER B 428 13.35 -9.22 4.37
C SER B 428 12.77 -10.33 3.50
N GLY B 429 13.59 -11.31 3.15
CA GLY B 429 13.08 -12.50 2.49
C GLY B 429 13.17 -12.51 0.97
N HIS B 430 13.56 -11.40 0.33
CA HIS B 430 13.66 -11.39 -1.12
C HIS B 430 14.87 -12.20 -1.59
N THR B 431 14.67 -13.07 -2.58
CA THR B 431 15.80 -13.78 -3.18
C THR B 431 15.89 -13.62 -4.69
N THR B 432 14.84 -13.18 -5.37
CA THR B 432 14.87 -12.98 -6.82
C THR B 432 15.06 -11.50 -7.12
N PHE B 433 16.11 -11.20 -7.89
CA PHE B 433 16.43 -9.85 -8.32
C PHE B 433 16.48 -9.85 -9.84
N LEU B 434 15.64 -9.02 -10.47
CA LEU B 434 15.55 -8.92 -11.92
C LEU B 434 15.98 -7.51 -12.30
N GLU B 435 16.99 -7.41 -13.16
CA GLU B 435 17.49 -6.11 -13.61
C GLU B 435 16.92 -5.79 -15.00
N LEU B 436 16.29 -4.62 -15.10
CA LEU B 436 15.90 -4.05 -16.39
C LEU B 436 17.04 -3.15 -16.86
N ALA B 437 17.72 -3.54 -17.93
CA ALA B 437 18.95 -2.89 -18.36
C ALA B 437 19.35 -3.30 -19.77
N PRO B 438 20.09 -2.45 -20.50
CA PRO B 438 20.72 -2.89 -21.75
C PRO B 438 21.98 -3.71 -21.53
N ASN B 439 22.37 -3.92 -20.28
CA ASN B 439 23.57 -4.63 -19.87
C ASN B 439 23.46 -4.91 -18.39
N PRO B 440 23.61 -6.17 -17.94
CA PRO B 440 23.30 -6.52 -16.56
C PRO B 440 24.42 -6.16 -15.56
N VAL B 441 24.86 -4.90 -15.62
CA VAL B 441 25.99 -4.42 -14.82
C VAL B 441 25.68 -4.48 -13.32
N ALA B 442 24.49 -4.04 -12.91
CA ALA B 442 24.19 -3.99 -11.48
C ALA B 442 23.92 -5.37 -10.91
N LEU B 443 23.50 -6.32 -11.74
CA LEU B 443 23.27 -7.66 -11.23
C LEU B 443 24.55 -8.25 -10.67
N MET B 444 25.69 -7.93 -11.29
CA MET B 444 27.00 -8.20 -10.70
C MET B 444 27.09 -7.70 -9.27
N GLN B 445 26.73 -6.43 -9.05
CA GLN B 445 26.81 -5.88 -7.71
C GLN B 445 25.85 -6.60 -6.76
N VAL B 446 24.65 -6.93 -7.25
CA VAL B 446 23.70 -7.64 -6.40
C VAL B 446 24.28 -8.99 -5.98
N ALA B 447 24.88 -9.72 -6.92
CA ALA B 447 25.46 -11.02 -6.59
C ALA B 447 26.46 -10.92 -5.46
N LEU B 448 27.27 -9.86 -5.45
CA LEU B 448 28.23 -9.68 -4.36
C LEU B 448 27.53 -9.40 -3.05
N THR B 449 26.55 -8.51 -3.05
CA THR B 449 25.89 -8.18 -1.79
C THR B 449 25.12 -9.37 -1.25
N THR B 450 24.43 -10.13 -2.12
CA THR B 450 23.68 -11.29 -1.63
C THR B 450 24.62 -12.37 -1.11
N ALA B 451 25.71 -12.67 -1.84
CA ALA B 451 26.72 -13.60 -1.34
C ALA B 451 27.22 -13.17 0.03
N ASP B 452 27.49 -11.88 0.20
CA ASP B 452 28.00 -11.36 1.47
C ASP B 452 26.96 -11.41 2.57
N ALA B 453 25.69 -11.52 2.24
CA ALA B 453 24.66 -11.55 3.27
C ALA B 453 24.28 -12.97 3.63
N GLY B 454 25.00 -13.95 3.11
CA GLY B 454 24.70 -15.34 3.36
C GLY B 454 23.87 -16.01 2.30
N LEU B 455 23.38 -15.29 1.30
CA LEU B 455 22.44 -15.85 0.34
C LEU B 455 23.22 -16.32 -0.88
N HIS B 456 23.43 -17.63 -0.97
CA HIS B 456 24.31 -18.18 -1.98
C HIS B 456 23.58 -18.85 -3.15
N ASP B 457 22.26 -18.81 -3.16
CA ASP B 457 21.52 -19.29 -4.33
C ASP B 457 20.45 -18.29 -4.73
N ALA B 458 20.81 -17.01 -4.78
CA ALA B 458 19.83 -16.02 -5.20
C ALA B 458 19.49 -16.21 -6.68
N GLN B 459 18.30 -15.76 -7.05
CA GLN B 459 17.80 -15.84 -8.42
C GLN B 459 18.13 -14.52 -9.10
N LEU B 460 19.18 -14.50 -9.90
CA LEU B 460 19.67 -13.29 -10.54
C LEU B 460 19.25 -13.32 -12.01
N ILE B 461 18.24 -12.54 -12.36
CA ILE B 461 17.63 -12.61 -13.67
C ILE B 461 17.99 -11.35 -14.44
N PRO B 462 18.81 -11.45 -15.47
CA PRO B 462 19.10 -10.28 -16.30
C PRO B 462 18.03 -10.11 -17.37
N THR B 463 18.13 -8.98 -18.07
CA THR B 463 17.36 -8.82 -19.31
C THR B 463 18.31 -8.77 -20.49
N LEU B 464 18.54 -7.58 -21.05
CA LEU B 464 19.34 -7.48 -22.26
C LEU B 464 20.84 -7.44 -21.94
N ALA B 465 21.64 -7.88 -22.91
CA ALA B 465 23.08 -7.79 -22.81
C ALA B 465 23.68 -7.53 -24.19
N ARG B 466 24.79 -6.80 -24.19
CA ARG B 466 25.46 -6.44 -25.45
C ARG B 466 25.97 -7.69 -26.17
N LYS B 467 25.86 -7.68 -27.49
CA LYS B 467 26.31 -8.78 -28.34
C LYS B 467 25.66 -10.10 -27.90
N GLN B 468 24.40 -10.01 -27.53
CA GLN B 468 23.60 -11.13 -27.08
C GLN B 468 22.22 -10.92 -27.68
N ASP B 469 21.69 -11.93 -28.36
CA ASP B 469 20.47 -11.66 -29.09
C ASP B 469 19.40 -11.19 -28.13
N GLU B 470 18.85 -10.02 -28.43
CA GLU B 470 17.94 -9.38 -27.49
C GLU B 470 16.63 -10.14 -27.35
N VAL B 471 16.18 -10.79 -28.45
CA VAL B 471 14.91 -11.51 -28.41
C VAL B 471 15.03 -12.76 -27.55
N SER B 472 16.07 -13.55 -27.77
CA SER B 472 16.32 -14.71 -26.92
C SER B 472 16.47 -14.29 -25.46
N SER B 473 17.15 -13.17 -25.22
CA SER B 473 17.35 -12.71 -23.84
C SER B 473 16.02 -12.54 -23.13
N MET B 474 15.01 -12.02 -23.82
CA MET B 474 13.74 -11.79 -23.15
C MET B 474 12.94 -13.09 -22.97
N VAL B 475 13.17 -14.08 -23.85
CA VAL B 475 12.58 -15.40 -23.61
C VAL B 475 13.16 -16.03 -22.36
N SER B 476 14.50 -16.02 -22.25
CA SER B 476 15.12 -16.65 -21.10
C SER B 476 14.72 -15.95 -19.81
N THR B 477 14.65 -14.61 -19.85
CA THR B 477 14.16 -13.84 -18.71
C THR B 477 12.79 -14.32 -18.25
N MET B 478 11.85 -14.44 -19.20
CA MET B 478 10.49 -14.80 -18.83
C MET B 478 10.39 -16.28 -18.46
N ALA B 479 11.16 -17.13 -19.15
CA ALA B 479 11.26 -18.53 -18.73
C ALA B 479 11.61 -18.62 -17.25
N GLN B 480 12.63 -17.84 -16.83
CA GLN B 480 13.10 -17.91 -15.44
C GLN B 480 12.04 -17.46 -14.46
N LEU B 481 11.34 -16.36 -14.75
CA LEU B 481 10.24 -15.96 -13.88
C LEU B 481 9.23 -17.09 -13.74
N TYR B 482 8.94 -17.80 -14.84
CA TYR B 482 7.99 -18.91 -14.79
C TYR B 482 8.50 -20.02 -13.88
N VAL B 483 9.77 -20.40 -14.06
CA VAL B 483 10.33 -21.54 -13.34
C VAL B 483 10.24 -21.33 -11.84
N TYR B 484 10.46 -20.10 -11.37
CA TYR B 484 10.49 -19.83 -9.94
C TYR B 484 9.09 -19.60 -9.37
N GLY B 485 8.06 -19.66 -10.19
CA GLY B 485 6.71 -19.43 -9.71
C GLY B 485 6.30 -17.99 -9.60
N HIS B 486 7.04 -17.05 -10.19
CA HIS B 486 6.62 -15.65 -10.10
C HIS B 486 5.56 -15.35 -11.15
N ASP B 487 4.89 -14.21 -10.99
CA ASP B 487 3.84 -13.84 -11.93
C ASP B 487 4.37 -13.82 -13.35
N LEU B 488 3.82 -14.70 -14.20
CA LEU B 488 4.10 -14.71 -15.63
C LEU B 488 3.19 -15.73 -16.32
N ASP B 489 2.49 -15.31 -17.37
CA ASP B 489 1.61 -16.20 -18.12
C ASP B 489 2.42 -16.81 -19.24
N ILE B 490 2.88 -18.05 -19.06
CA ILE B 490 3.82 -18.62 -20.02
C ILE B 490 3.17 -18.93 -21.35
N ARG B 491 1.83 -18.98 -21.39
CA ARG B 491 1.12 -19.24 -22.64
C ARG B 491 1.31 -18.10 -23.64
N THR B 492 1.49 -16.87 -23.15
CA THR B 492 1.72 -15.70 -23.98
C THR B 492 3.12 -15.67 -24.61
N LEU B 493 3.95 -16.68 -24.38
CA LEU B 493 5.23 -16.80 -25.08
C LEU B 493 5.06 -17.48 -26.43
N PHE B 494 3.86 -17.95 -26.73
CA PHE B 494 3.54 -18.54 -28.02
C PHE B 494 2.33 -17.81 -28.57
N SER B 495 2.29 -17.68 -29.89
CA SER B 495 1.08 -17.16 -30.51
C SER B 495 -0.09 -18.11 -30.25
N ARG B 496 -1.28 -17.54 -30.19
CA ARG B 496 -2.50 -18.33 -30.03
C ARG B 496 -2.62 -19.40 -31.11
N ALA B 497 -3.03 -20.60 -30.69
CA ALA B 497 -3.23 -21.69 -31.64
C ALA B 497 -4.27 -21.30 -32.68
N SER B 498 -3.94 -21.53 -33.94
CA SER B 498 -4.81 -21.22 -35.06
C SER B 498 -5.34 -22.46 -35.75
N GLY B 499 -4.90 -23.66 -35.33
CA GLY B 499 -5.38 -24.91 -35.86
C GLY B 499 -4.69 -26.06 -35.14
N PRO B 500 -5.15 -27.28 -35.37
CA PRO B 500 -4.51 -28.43 -34.69
C PRO B 500 -3.03 -28.57 -35.00
N GLN B 501 -2.58 -28.06 -36.15
CA GLN B 501 -1.16 -28.15 -36.44
C GLN B 501 -0.32 -27.31 -35.50
N ASP B 502 -0.94 -26.41 -34.71
CA ASP B 502 -0.19 -25.59 -33.75
C ASP B 502 0.06 -26.31 -32.43
N TYR B 503 -0.45 -27.53 -32.26
CA TYR B 503 -0.32 -28.29 -31.03
C TYR B 503 0.30 -29.63 -31.33
N ALA B 504 1.56 -29.82 -30.91
CA ALA B 504 2.16 -31.13 -31.06
C ALA B 504 1.41 -32.13 -30.19
N ASN B 505 1.31 -33.37 -30.67
CA ASN B 505 0.65 -34.46 -29.96
C ASN B 505 1.59 -35.07 -28.91
N ILE B 506 1.95 -34.28 -27.92
CA ILE B 506 2.87 -34.72 -26.87
C ILE B 506 2.15 -35.81 -26.08
N PRO B 507 2.86 -36.83 -25.59
CA PRO B 507 2.17 -37.90 -24.86
C PRO B 507 1.58 -37.36 -23.57
N PRO B 508 0.34 -37.76 -23.23
CA PRO B 508 -0.13 -37.59 -21.85
C PRO B 508 0.81 -38.30 -20.92
N THR B 509 1.00 -37.75 -19.73
CA THR B 509 1.75 -38.41 -18.68
C THR B 509 0.82 -38.71 -17.52
N ARG B 510 1.23 -39.65 -16.68
CA ARG B 510 0.56 -39.78 -15.39
C ARG B 510 1.46 -39.35 -14.25
N PHE B 511 2.57 -38.68 -14.54
CA PHE B 511 3.40 -38.05 -13.53
C PHE B 511 3.04 -36.57 -13.56
N LYS B 512 2.17 -36.15 -12.65
CA LYS B 512 1.83 -34.74 -12.57
C LYS B 512 1.99 -34.16 -11.17
C1 GLC C . -4.33 -7.82 38.94
C2 GLC C . -5.41 -8.84 39.23
C3 GLC C . -5.47 -9.91 38.17
C4 GLC C . -5.59 -9.29 36.77
C5 GLC C . -4.46 -8.27 36.54
C6 GLC C . -4.59 -7.51 35.24
O2 GLC C . -5.23 -9.43 40.50
O3 GLC C . -6.61 -10.70 38.47
O4 GLC C . -5.58 -10.30 35.77
O5 GLC C . -4.46 -7.28 37.60
O6 GLC C . -5.90 -6.98 35.07
C1 FRU C . -2.22 -8.14 41.17
C2 FRU C . -2.02 -7.98 39.68
C3 FRU C . -0.67 -8.52 39.19
C4 FRU C . -0.40 -7.64 37.98
C5 FRU C . -0.85 -6.27 38.52
C6 FRU C . -1.22 -5.21 37.51
O1 FRU C . -1.22 -7.42 41.87
O2 FRU C . -3.10 -8.60 39.02
O3 FRU C . -0.66 -9.90 38.94
O4 FRU C . 0.96 -7.65 37.59
O5 FRU C . -1.98 -6.59 39.38
O6 FRU C . -2.59 -4.81 37.61
C1 GLC D . -19.28 26.86 19.29
C2 GLC D . -18.49 26.57 20.55
C3 GLC D . -19.29 26.78 21.82
C4 GLC D . -20.02 28.12 21.82
C5 GLC D . -20.75 28.40 20.52
C6 GLC D . -21.17 29.86 20.44
O2 GLC D . -18.03 25.22 20.50
O3 GLC D . -18.44 26.70 22.96
O4 GLC D . -21.01 28.12 22.84
O5 GLC D . -19.89 28.15 19.36
O6 GLC D . -21.99 30.06 19.31
C1 FRU D . -19.18 24.31 17.49
C2 FRU D . -20.32 25.29 17.77
C3 FRU D . -21.69 24.62 17.65
C4 FRU D . -22.59 25.81 17.39
C5 FRU D . -21.73 26.60 16.40
C6 FRU D . -21.99 28.08 16.38
O1 FRU D . -19.11 23.88 16.11
O2 FRU D . -20.26 25.84 19.05
O3 FRU D . -22.07 23.86 18.78
O4 FRU D . -23.85 25.48 16.83
O5 FRU D . -20.36 26.31 16.78
O6 FRU D . -21.19 28.65 15.35
C1 GLC E . -21.36 -28.85 -1.76
C2 GLC E . -20.43 -28.42 -0.63
C3 GLC E . -19.79 -29.67 0.05
C4 GLC E . -20.82 -30.74 0.45
C5 GLC E . -21.81 -31.05 -0.69
C6 GLC E . -22.99 -31.87 -0.17
O2 GLC E . -19.46 -27.47 -1.10
O3 GLC E . -19.06 -29.25 1.22
O4 GLC E . -20.17 -31.97 0.80
O5 GLC E . -22.35 -29.80 -1.29
O6 GLC E . -23.63 -32.60 -1.22
C1 FRU E . -21.17 -27.48 -4.86
C2 FRU E . -21.65 -28.86 -4.40
C3 FRU E . -21.35 -29.99 -5.42
C4 FRU E . -22.61 -30.05 -6.28
C5 FRU E . -23.68 -29.80 -5.20
C6 FRU E . -24.12 -31.07 -4.49
O1 FRU E . -19.74 -27.27 -4.93
O2 FRU E . -21.07 -29.15 -3.15
O3 FRU E . -20.99 -31.19 -4.75
O4 FRU E . -22.69 -29.16 -7.40
O5 FRU E . -23.07 -28.86 -4.28
O6 FRU E . -24.89 -30.78 -3.34
C1 GLC F . 5.55 -13.74 -28.56
C2 GLC F . 6.53 -14.87 -28.76
C3 GLC F . 6.90 -15.02 -30.23
C4 GLC F . 5.65 -15.17 -31.07
C5 GLC F . 4.76 -13.98 -30.86
C6 GLC F . 3.46 -14.08 -31.63
O2 GLC F . 7.68 -14.69 -27.93
O3 GLC F . 7.72 -16.17 -30.43
O4 GLC F . 6.02 -15.26 -32.44
O5 GLC F . 4.41 -13.87 -29.44
O6 GLC F . 2.45 -13.25 -31.03
C1 FRU F . 7.51 -11.53 -27.16
C2 FRU F . 6.36 -11.34 -28.12
C3 FRU F . 6.46 -10.05 -28.96
C4 FRU F . 5.02 -9.77 -29.33
C5 FRU F . 4.27 -10.24 -28.05
C6 FRU F . 2.94 -10.91 -28.27
O1 FRU F . 7.42 -10.51 -26.17
O2 FRU F . 6.31 -12.54 -28.86
O3 FRU F . 7.41 -10.15 -30.01
O4 FRU F . 4.72 -8.39 -29.53
O5 FRU F . 5.17 -11.14 -27.36
O6 FRU F . 2.26 -11.01 -27.02
C1 GLC G . 1.80 -30.88 -38.46
C2 GLC G . 2.93 -29.88 -38.31
C3 GLC G . 3.72 -30.17 -37.02
C4 GLC G . 2.78 -30.21 -35.82
C5 GLC G . 1.71 -31.27 -36.04
C6 GLC G . 0.72 -31.30 -34.91
O2 GLC G . 3.76 -29.91 -39.47
O3 GLC G . 4.71 -29.18 -36.79
O4 GLC G . 3.52 -30.50 -34.63
O5 GLC G . 0.98 -30.99 -37.28
O6 GLC G . -0.21 -32.34 -35.11
C1 FRU G . 0.39 -32.82 -39.98
C2 FRU G . 1.66 -33.26 -39.26
C3 FRU G . 2.54 -34.21 -40.08
C4 FRU G . 3.37 -34.86 -38.99
C5 FRU G . 2.33 -35.04 -37.87
C6 FRU G . 2.90 -34.93 -36.47
O1 FRU G . -0.33 -33.94 -40.52
O2 FRU G . 2.41 -32.11 -38.91
O3 FRU G . 3.29 -33.57 -41.09
O4 FRU G . 3.94 -36.11 -39.36
O5 FRU G . 1.33 -34.02 -38.11
O6 FRU G . 1.99 -35.39 -35.48
C1 GLC H . 2.75 -13.52 -4.91
C2 GLC H . 3.57 -12.26 -5.14
C3 GLC H . 4.38 -12.38 -6.44
C4 GLC H . 5.27 -13.61 -6.34
C5 GLC H . 4.45 -14.87 -6.08
C6 GLC H . 5.33 -16.06 -5.77
O2 GLC H . 2.70 -11.12 -5.12
O3 GLC H . 5.17 -11.19 -6.68
O4 GLC H . 6.01 -13.78 -7.54
O5 GLC H . 3.58 -14.70 -4.91
O6 GLC H . 6.26 -15.70 -4.77
C1 FRU H . -0.45 -12.86 -4.98
C2 FRU H . 0.28 -14.01 -5.66
C3 FRU H . -0.33 -14.45 -7.00
C4 FRU H . 0.13 -15.90 -7.12
C5 FRU H . 0.19 -16.38 -5.67
C6 FRU H . 1.42 -17.22 -5.38
O1 FRU H . -1.77 -13.23 -4.55
O2 FRU H . 1.63 -13.61 -5.81
O3 FRU H . 0.04 -13.66 -8.12
O4 FRU H . -0.71 -16.72 -7.92
O5 FRU H . 0.20 -15.17 -4.85
O6 FRU H . 1.45 -17.66 -4.03
C1 GLC I . 1.46 -20.30 -14.61
C2 GLC I . 1.43 -20.16 -16.14
C3 GLC I . 0.17 -19.50 -16.64
C4 GLC I . -1.07 -20.17 -16.08
C5 GLC I . -1.00 -20.28 -14.57
C6 GLC I . -2.11 -21.15 -14.01
O2 GLC I . 2.59 -19.42 -16.53
O3 GLC I . 0.11 -19.54 -18.07
O4 GLC I . -2.22 -19.40 -16.40
O5 GLC I . 0.26 -20.89 -14.11
O6 GLC I . -2.36 -20.83 -12.65
C1 FRU I . 3.86 -18.81 -13.51
C2 FRU I . 2.45 -18.80 -12.95
C3 FRU I . 2.07 -17.49 -12.20
C4 FRU I . 0.97 -17.98 -11.26
C5 FRU I . 1.52 -19.36 -10.85
C6 FRU I . 0.44 -20.37 -10.51
O1 FRU I . 4.80 -18.69 -12.46
O2 FRU I . 1.56 -19.01 -14.01
O3 FRU I . 1.70 -16.43 -13.07
O4 FRU I . 0.72 -17.16 -10.12
O5 FRU I . 2.33 -19.81 -11.97
O6 FRU I . 1.04 -21.58 -10.09
OH2 1PE J . -28.36 -24.52 17.95
C12 1PE J . -28.40 -23.53 16.96
C22 1PE J . -27.19 -23.66 16.03
OH3 1PE J . -27.55 -23.30 14.71
C13 1PE J . -26.17 -21.36 14.69
C23 1PE J . -26.54 -22.66 13.97
OH4 1PE J . -24.87 -20.98 14.37
C14 1PE J . -23.39 -19.14 13.93
C24 1PE J . -24.57 -19.66 14.75
OH5 1PE J . -22.73 -18.09 14.56
C15 1PE J . -21.29 -16.46 13.52
C25 1PE J . -22.73 -16.92 13.80
OH6 1PE J . -21.23 -15.07 13.66
C16 1PE J . -20.03 -13.06 13.95
C26 1PE J . -19.97 -14.50 13.44
OH7 1PE J . -20.26 -12.21 12.85
OH2 1PE K . -25.09 17.59 14.82
C12 1PE K . -24.44 18.70 14.26
C22 1PE K . -25.34 19.25 13.15
OH3 1PE K . -24.80 20.46 12.68
C13 1PE K . -23.42 21.60 11.00
C23 1PE K . -24.24 20.36 11.39
OH4 1PE K . -24.01 22.12 9.86
C14 1PE K . -25.18 24.25 9.73
C24 1PE K . -23.84 23.51 9.76
OH5 1PE K . -25.01 25.50 9.11
OH2 1PE L . -39.28 -3.19 32.81
C12 1PE L . -40.61 -3.62 32.78
C22 1PE L . -41.50 -2.38 32.77
OH3 1PE L . -41.38 -1.74 31.53
C13 1PE L . -39.56 -0.23 32.01
C23 1PE L . -41.03 -0.38 31.59
OH4 1PE L . -38.71 -0.67 30.98
C14 1PE L . -37.68 0.98 29.58
C24 1PE L . -37.54 0.08 30.82
OH5 1PE L . -37.87 0.19 28.43
C15 1PE L . -39.82 -0.83 27.38
C25 1PE L . -39.05 0.45 27.71
OH6 1PE L . -39.11 -1.98 27.79
C16 1PE L . -38.90 -4.04 29.01
C26 1PE L . -39.73 -2.77 28.77
OH7 1PE L . -38.08 -4.28 27.90
OH4 1PE M . -27.26 5.94 33.23
C14 1PE M . -26.29 8.00 34.05
C24 1PE M . -26.15 6.48 33.91
OH5 1PE M . -25.12 8.58 33.56
C15 1PE M . -23.78 10.34 34.47
C25 1PE M . -25.05 9.98 33.69
OH6 1PE M . -23.04 11.31 33.77
C16 1PE M . -21.31 11.35 35.40
C26 1PE M . -22.32 12.18 34.60
OH7 1PE M . -20.28 12.20 35.86
S SO4 N . -9.75 41.25 26.53
O1 SO4 N . -9.22 40.32 27.55
O2 SO4 N . -10.77 40.54 25.76
O3 SO4 N . -10.39 42.40 27.17
O4 SO4 N . -8.66 41.68 25.63
S SO4 O . -3.17 37.09 21.46
O1 SO4 O . -2.68 36.84 22.82
O2 SO4 O . -4.09 36.02 21.04
O3 SO4 O . -3.89 38.38 21.45
O4 SO4 O . -2.02 37.09 20.56
S SO4 P . -13.14 33.27 3.90
O1 SO4 P . -13.10 32.22 4.94
O2 SO4 P . -13.85 32.75 2.74
O3 SO4 P . -13.86 34.43 4.44
O4 SO4 P . -11.78 33.69 3.51
S SO4 Q . -13.65 13.51 34.26
O1 SO4 Q . -12.97 12.79 35.35
O2 SO4 Q . -14.48 12.59 33.44
O3 SO4 Q . -14.53 14.53 34.84
O4 SO4 Q . -12.61 14.12 33.40
S SO4 R . -3.01 -31.46 -17.73
O1 SO4 R . -1.88 -31.34 -16.82
O2 SO4 R . -3.02 -32.81 -18.28
O3 SO4 R . -4.28 -31.20 -17.07
O4 SO4 R . -2.87 -30.51 -18.82
S SO4 S . 30.31 -5.74 -21.89
O1 SO4 S . 30.97 -6.65 -20.93
O2 SO4 S . 29.12 -6.38 -22.45
O3 SO4 S . 29.90 -4.49 -21.21
O4 SO4 S . 31.24 -5.43 -22.98
S SO4 T . 22.49 25.85 -14.91
O1 SO4 T . 23.17 25.45 -13.68
O2 SO4 T . 21.80 24.69 -15.51
O3 SO4 T . 21.49 26.87 -14.58
O4 SO4 T . 23.48 26.36 -15.87
S SO4 U . 21.79 16.94 -27.29
O1 SO4 U . 22.77 16.28 -26.42
O2 SO4 U . 20.83 15.94 -27.82
O3 SO4 U . 21.08 17.97 -26.51
O4 SO4 U . 22.48 17.57 -28.42
#